data_3OQM
#
_entry.id   3OQM
#
_cell.length_a   74.240
_cell.length_b   103.540
_cell.length_c   176.650
_cell.angle_alpha   90.00
_cell.angle_beta   90.00
_cell.angle_gamma   90.00
#
_symmetry.space_group_name_H-M   'P 21 21 21'
#
loop_
_entity.id
_entity.type
_entity.pdbx_description
1 polymer 'Catabolite control protein A'
2 polymer 'Phosphocarrier protein HPr'
3 polymer "5'-D(*TP*TP*GP*TP*AP*AP*GP*CP*GP*TP*TP*AP*TP*CP*AP*A)-3'"
4 polymer "5'-D(*TP*TP*GP*AP*TP*AP*AP*CP*GP*CP*TP*TP*AP*CP*AP*A)-3'"
5 non-polymer 'SULFATE ION'
6 water water
#
loop_
_entity_poly.entity_id
_entity_poly.type
_entity_poly.pdbx_seq_one_letter_code
_entity_poly.pdbx_strand_id
1 'polypeptide(L)'
;MNITIYDVAREANVSMATVSRVVNGNPNVKPTTRKKVLEAIERLGYRPNAVARGLASKKTTTVGVIIPDISSIFYSELAR
GIEDIATMYKYNIILSNSDQNMEKELHLLNTMLGKQVDGIVFMGGNITDEHVAEFKRSPVPIVLAASVEEQEETPSVAID
YEQAIYDAVKLLVDKGHTDIAFVSGPMAEPINRSKKLQGYKRALEEANLPFNEQFVAEGDYTYDSGLEALQHLMSLDKKP
TAILSATDEMALGIIHAAQDQGLSIPEDLDIIGFDNTRLSLMVRPQLSTVVQPTYDIGAVAMRLLTKLMNKEPVEEHIVE
LPHRIELRKSTKSHHHHHH
;
A,C
2 'polypeptide(L)'
;AQKTFKVTADSGIHARPATVLVQTASKYDADVNLEYNGKTVNLK(SEP)IMGVMSLGIAKGAEITISASGADENDALNAL
EETMKSEGLGE
;
S,D
3 'polydeoxyribonucleotide' (DT)(DT)(DG)(DT)(DA)(DA)(DG)(DC)(DG)(DT)(DT)(DA)(DT)(DC)(DA)(DA) E
4 'polydeoxyribonucleotide' (DT)(DT)(DG)(DA)(DT)(DA)(DA)(DC)(DG)(DC)(DT)(DT)(DA)(DC)(DA)(DA) B
#
# COMPACT_ATOMS: atom_id res chain seq x y z
N MET A 1 16.06 -32.59 9.30
CA MET A 1 16.14 -33.96 8.69
C MET A 1 15.66 -33.93 7.24
N ASN A 2 14.72 -33.02 6.96
CA ASN A 2 14.13 -32.90 5.63
C ASN A 2 14.89 -32.02 4.68
N ILE A 3 15.60 -32.68 3.76
CA ILE A 3 16.42 -32.05 2.73
C ILE A 3 17.14 -30.80 3.15
N THR A 4 18.25 -31.00 3.85
CA THR A 4 19.10 -29.92 4.31
C THR A 4 20.37 -29.99 3.47
N ILE A 5 21.24 -28.99 3.63
CA ILE A 5 22.49 -28.94 2.87
C ILE A 5 23.29 -30.22 3.06
N TYR A 6 23.08 -30.88 4.19
CA TYR A 6 23.78 -32.12 4.47
C TYR A 6 23.34 -33.22 3.51
N ASP A 7 22.04 -33.38 3.35
CA ASP A 7 21.51 -34.40 2.44
C ASP A 7 22.00 -34.19 1.01
N VAL A 8 22.04 -32.94 0.55
CA VAL A 8 22.49 -32.61 -0.80
C VAL A 8 23.92 -33.06 -0.97
N ALA A 9 24.71 -32.85 0.07
CA ALA A 9 26.11 -33.24 0.01
C ALA A 9 26.19 -34.75 -0.15
N ARG A 10 25.56 -35.50 0.74
CA ARG A 10 25.62 -36.95 0.62
C ARG A 10 25.30 -37.38 -0.81
N GLU A 11 24.24 -36.82 -1.39
CA GLU A 11 23.85 -37.16 -2.76
C GLU A 11 24.90 -36.86 -3.82
N ALA A 12 25.51 -35.67 -3.78
CA ALA A 12 26.51 -35.32 -4.78
C ALA A 12 27.88 -35.82 -4.40
N ASN A 13 27.93 -36.58 -3.31
CA ASN A 13 29.19 -37.13 -2.82
C ASN A 13 30.26 -36.05 -2.70
N VAL A 14 29.96 -35.03 -1.90
CA VAL A 14 30.88 -33.92 -1.66
C VAL A 14 30.68 -33.46 -0.22
N SER A 15 31.37 -32.40 0.17
CA SER A 15 31.25 -31.89 1.53
C SER A 15 30.15 -30.84 1.60
N MET A 16 29.83 -30.42 2.83
CA MET A 16 28.81 -29.39 3.02
C MET A 16 29.32 -28.07 2.47
N ALA A 17 30.62 -27.88 2.58
CA ALA A 17 31.24 -26.65 2.11
C ALA A 17 31.06 -26.49 0.61
N THR A 18 31.28 -27.54 -0.16
CA THR A 18 31.11 -27.41 -1.61
C THR A 18 29.66 -27.18 -1.98
N VAL A 19 28.73 -27.78 -1.23
CA VAL A 19 27.32 -27.58 -1.51
C VAL A 19 26.98 -26.14 -1.20
N SER A 20 27.63 -25.61 -0.17
CA SER A 20 27.40 -24.22 0.20
C SER A 20 28.05 -23.27 -0.82
N ARG A 21 29.19 -23.68 -1.40
CA ARG A 21 29.85 -22.82 -2.37
C ARG A 21 29.02 -22.81 -3.65
N VAL A 22 28.60 -24.00 -4.10
CA VAL A 22 27.81 -24.04 -5.32
C VAL A 22 26.54 -23.25 -5.13
N VAL A 23 25.87 -23.45 -3.99
CA VAL A 23 24.64 -22.74 -3.73
C VAL A 23 24.83 -21.22 -3.74
N ASN A 24 25.98 -20.73 -3.31
CA ASN A 24 26.19 -19.28 -3.29
C ASN A 24 26.92 -18.75 -4.52
N GLY A 25 27.14 -19.63 -5.49
CA GLY A 25 27.79 -19.22 -6.71
C GLY A 25 29.24 -18.83 -6.54
N ASN A 26 29.89 -19.43 -5.56
CA ASN A 26 31.30 -19.14 -5.32
C ASN A 26 32.12 -19.75 -6.47
N PRO A 27 32.85 -18.90 -7.21
CA PRO A 27 33.68 -19.36 -8.33
C PRO A 27 34.91 -20.13 -7.88
N ASN A 28 34.73 -21.39 -7.51
CA ASN A 28 35.83 -22.24 -7.07
C ASN A 28 35.35 -23.66 -7.05
N VAL A 29 34.48 -23.96 -8.00
CA VAL A 29 33.94 -25.31 -8.10
C VAL A 29 34.25 -25.85 -9.46
N LYS A 30 34.91 -27.00 -9.48
CA LYS A 30 35.25 -27.64 -10.74
C LYS A 30 33.91 -27.88 -11.43
N PRO A 31 33.72 -27.28 -12.62
CA PRO A 31 32.48 -27.42 -13.39
C PRO A 31 31.79 -28.78 -13.28
N THR A 32 32.55 -29.86 -13.36
CA THR A 32 31.99 -31.20 -13.25
C THR A 32 31.34 -31.44 -11.88
N THR A 33 31.75 -30.64 -10.90
CA THR A 33 31.25 -30.71 -9.54
C THR A 33 30.04 -29.79 -9.37
N ARG A 34 30.25 -28.50 -9.62
CA ARG A 34 29.16 -27.53 -9.52
C ARG A 34 27.93 -28.13 -10.20
N LYS A 35 28.17 -28.93 -11.23
CA LYS A 35 27.09 -29.58 -11.96
C LYS A 35 26.55 -30.75 -11.15
N LYS A 36 27.44 -31.61 -10.69
CA LYS A 36 27.03 -32.76 -9.91
C LYS A 36 26.09 -32.35 -8.77
N VAL A 37 26.43 -31.27 -8.07
CA VAL A 37 25.63 -30.78 -6.94
C VAL A 37 24.31 -30.14 -7.37
N LEU A 38 24.33 -29.31 -8.41
CA LEU A 38 23.08 -28.71 -8.89
C LEU A 38 22.11 -29.82 -9.25
N GLU A 39 22.66 -30.95 -9.69
CA GLU A 39 21.83 -32.09 -10.05
C GLU A 39 21.14 -32.51 -8.78
N ALA A 40 21.95 -32.89 -7.79
CA ALA A 40 21.44 -33.35 -6.50
C ALA A 40 20.39 -32.41 -5.95
N ILE A 41 20.74 -31.13 -5.90
CA ILE A 41 19.82 -30.12 -5.41
C ILE A 41 18.46 -30.34 -6.07
N GLU A 42 18.44 -30.44 -7.39
CA GLU A 42 17.21 -30.65 -8.13
C GLU A 42 16.50 -31.91 -7.67
N ARG A 43 17.15 -33.05 -7.84
CA ARG A 43 16.56 -34.33 -7.45
C ARG A 43 16.01 -34.34 -6.01
N LEU A 44 16.70 -33.68 -5.09
CA LEU A 44 16.24 -33.65 -3.70
C LEU A 44 15.19 -32.58 -3.38
N GLY A 45 14.97 -31.64 -4.29
CA GLY A 45 13.99 -30.60 -4.04
C GLY A 45 14.46 -29.68 -2.92
N TYR A 46 15.77 -29.46 -2.88
CA TYR A 46 16.41 -28.63 -1.86
C TYR A 46 16.18 -27.14 -2.05
N ARG A 47 15.88 -26.47 -0.94
CA ARG A 47 15.67 -25.03 -0.95
C ARG A 47 16.47 -24.46 0.23
N PRO A 48 17.41 -23.56 -0.05
CA PRO A 48 18.19 -23.02 1.05
C PRO A 48 17.34 -22.25 2.05
N ASN A 49 17.61 -22.50 3.33
CA ASN A 49 16.91 -21.87 4.46
C ASN A 49 17.60 -20.54 4.79
N ALA A 50 16.91 -19.43 4.61
CA ALA A 50 17.53 -18.13 4.88
C ALA A 50 17.69 -17.81 6.37
N VAL A 51 16.80 -18.35 7.20
CA VAL A 51 16.83 -18.12 8.65
C VAL A 51 18.14 -18.65 9.18
N ALA A 52 18.46 -19.89 8.81
CA ALA A 52 19.71 -20.49 9.22
C ALA A 52 20.82 -19.64 8.64
N ARG A 53 20.62 -19.16 7.41
CA ARG A 53 21.60 -18.30 6.75
C ARG A 53 21.77 -17.08 7.62
N GLY A 54 20.65 -16.52 8.05
CA GLY A 54 20.66 -15.34 8.89
C GLY A 54 21.44 -15.56 10.17
N LEU A 55 21.08 -16.59 10.92
CA LEU A 55 21.76 -16.88 12.19
C LEU A 55 23.26 -16.85 12.03
N ALA A 56 23.75 -17.58 11.03
CA ALA A 56 25.16 -17.70 10.73
C ALA A 56 25.84 -16.41 10.28
N SER A 57 25.30 -15.82 9.22
CA SER A 57 25.81 -14.61 8.62
C SER A 57 25.71 -13.30 9.40
N LYS A 58 24.80 -13.24 10.37
CA LYS A 58 24.55 -12.05 11.21
C LYS A 58 23.76 -10.94 10.51
N LYS A 59 22.99 -11.31 9.47
CA LYS A 59 22.15 -10.36 8.76
C LYS A 59 21.05 -11.13 8.03
N THR A 60 19.93 -10.45 7.73
CA THR A 60 18.80 -11.12 7.09
C THR A 60 18.29 -10.57 5.77
N THR A 61 19.06 -9.71 5.12
CA THR A 61 18.65 -9.13 3.85
C THR A 61 17.20 -8.62 3.80
N THR A 62 16.65 -8.22 4.94
CA THR A 62 15.31 -7.66 4.95
C THR A 62 15.33 -6.41 5.84
N VAL A 63 14.61 -5.37 5.45
CA VAL A 63 14.57 -4.16 6.27
C VAL A 63 13.18 -3.98 6.85
N GLY A 64 13.07 -3.04 7.79
CA GLY A 64 11.79 -2.77 8.42
C GLY A 64 11.17 -1.48 7.90
N VAL A 65 9.84 -1.43 7.88
CA VAL A 65 9.14 -0.26 7.38
C VAL A 65 7.92 0.06 8.24
N ILE A 66 8.02 1.15 8.99
CA ILE A 66 6.94 1.60 9.85
C ILE A 66 6.22 2.71 9.11
N ILE A 67 4.99 2.45 8.73
CA ILE A 67 4.22 3.42 8.00
C ILE A 67 2.95 3.66 8.79
N PRO A 68 2.48 4.91 8.84
CA PRO A 68 1.26 5.20 9.61
C PRO A 68 0.03 4.47 9.10
N ASP A 69 -0.19 4.49 7.80
CA ASP A 69 -1.33 3.79 7.21
C ASP A 69 -1.14 3.59 5.71
N ILE A 70 -0.89 2.34 5.34
CA ILE A 70 -0.65 2.03 3.95
C ILE A 70 -1.84 2.15 3.00
N SER A 71 -3.05 2.30 3.53
CA SER A 71 -4.21 2.43 2.63
C SER A 71 -4.31 3.87 2.13
N SER A 72 -3.35 4.71 2.52
CA SER A 72 -3.33 6.11 2.09
C SER A 72 -2.79 6.24 0.68
N ILE A 73 -3.47 7.03 -0.13
CA ILE A 73 -3.04 7.23 -1.50
C ILE A 73 -1.59 7.72 -1.47
N PHE A 74 -1.23 8.48 -0.45
CA PHE A 74 0.12 9.03 -0.31
C PHE A 74 1.15 8.01 0.15
N TYR A 75 1.04 7.57 1.41
CA TYR A 75 1.98 6.60 1.96
C TYR A 75 2.11 5.33 1.11
N SER A 76 1.02 4.87 0.50
CA SER A 76 1.14 3.68 -0.32
C SER A 76 2.14 3.96 -1.45
N GLU A 77 1.97 5.06 -2.17
CA GLU A 77 2.88 5.42 -3.26
C GLU A 77 4.30 5.55 -2.79
N LEU A 78 4.45 6.02 -1.56
CA LEU A 78 5.76 6.20 -0.96
C LEU A 78 6.32 4.82 -0.65
N ALA A 79 5.43 3.86 -0.38
CA ALA A 79 5.81 2.48 -0.09
C ALA A 79 6.31 1.76 -1.35
N ARG A 80 5.65 1.98 -2.48
CA ARG A 80 6.08 1.34 -3.71
C ARG A 80 7.49 1.80 -4.07
N GLY A 81 7.82 3.02 -3.68
CA GLY A 81 9.14 3.55 -3.98
C GLY A 81 10.17 2.81 -3.17
N ILE A 82 9.90 2.63 -1.87
CA ILE A 82 10.81 1.94 -0.98
C ILE A 82 11.04 0.48 -1.42
N GLU A 83 9.93 -0.22 -1.64
CA GLU A 83 9.90 -1.63 -2.06
C GLU A 83 10.68 -1.87 -3.36
N ASP A 84 10.55 -0.97 -4.32
CA ASP A 84 11.27 -1.12 -5.58
C ASP A 84 12.78 -0.98 -5.43
N ILE A 85 13.23 -0.02 -4.62
CA ILE A 85 14.66 0.14 -4.44
C ILE A 85 15.25 -0.97 -3.57
N ALA A 86 14.41 -1.61 -2.75
CA ALA A 86 14.87 -2.69 -1.90
C ALA A 86 15.09 -3.94 -2.77
N THR A 87 14.18 -4.20 -3.69
CA THR A 87 14.29 -5.36 -4.58
C THR A 87 15.55 -5.16 -5.40
N MET A 88 15.77 -3.92 -5.81
CA MET A 88 16.94 -3.57 -6.59
C MET A 88 18.17 -4.07 -5.86
N TYR A 89 18.21 -3.84 -4.56
CA TYR A 89 19.35 -4.24 -3.74
C TYR A 89 19.17 -5.55 -2.97
N LYS A 90 18.41 -6.48 -3.55
CA LYS A 90 18.17 -7.78 -2.94
C LYS A 90 17.78 -7.67 -1.47
N TYR A 91 16.73 -6.93 -1.19
CA TYR A 91 16.28 -6.76 0.18
C TYR A 91 14.78 -6.96 0.28
N ASN A 92 14.36 -7.55 1.41
CA ASN A 92 12.95 -7.76 1.66
C ASN A 92 12.50 -6.71 2.65
N ILE A 93 11.19 -6.52 2.73
CA ILE A 93 10.59 -5.51 3.59
C ILE A 93 9.57 -6.09 4.58
N ILE A 94 9.50 -5.55 5.80
CA ILE A 94 8.48 -6.01 6.75
C ILE A 94 7.62 -4.77 6.97
N LEU A 95 6.41 -4.81 6.45
CA LEU A 95 5.50 -3.67 6.56
C LEU A 95 4.64 -3.81 7.79
N SER A 96 4.20 -2.66 8.31
CA SER A 96 3.35 -2.61 9.49
C SER A 96 2.84 -1.19 9.66
N ASN A 97 1.55 -1.06 9.98
CA ASN A 97 0.94 0.25 10.15
C ASN A 97 1.10 0.76 11.58
N SER A 98 1.36 2.05 11.74
CA SER A 98 1.55 2.61 13.07
C SER A 98 0.35 3.44 13.48
N ASP A 99 -0.40 3.91 12.50
CA ASP A 99 -1.56 4.75 12.77
C ASP A 99 -1.14 5.96 13.60
N GLN A 100 0.13 6.30 13.54
CA GLN A 100 0.66 7.45 14.27
C GLN A 100 0.56 7.29 15.79
N ASN A 101 0.24 6.09 16.28
CA ASN A 101 0.16 5.86 17.72
C ASN A 101 1.57 5.62 18.26
N MET A 102 2.13 6.60 18.95
CA MET A 102 3.48 6.47 19.50
C MET A 102 3.76 5.12 20.17
N GLU A 103 2.79 4.61 20.90
CA GLU A 103 2.91 3.32 21.57
C GLU A 103 3.23 2.24 20.54
N LYS A 104 2.41 2.18 19.49
CA LYS A 104 2.60 1.19 18.46
C LYS A 104 3.92 1.39 17.73
N GLU A 105 4.21 2.63 17.33
CA GLU A 105 5.46 2.88 16.63
C GLU A 105 6.63 2.27 17.39
N LEU A 106 6.95 2.84 18.55
CA LEU A 106 8.04 2.34 19.38
C LEU A 106 8.02 0.82 19.57
N HIS A 107 6.83 0.25 19.59
CA HIS A 107 6.70 -1.19 19.75
C HIS A 107 7.14 -1.90 18.47
N LEU A 108 6.65 -1.45 17.33
CA LEU A 108 7.01 -2.04 16.04
C LEU A 108 8.54 -1.94 15.90
N LEU A 109 9.09 -0.82 16.34
CA LEU A 109 10.52 -0.63 16.25
C LEU A 109 11.21 -1.79 16.97
N ASN A 110 10.77 -2.05 18.21
CA ASN A 110 11.34 -3.12 19.01
C ASN A 110 11.12 -4.50 18.45
N THR A 111 10.00 -4.70 17.77
CA THR A 111 9.71 -6.01 17.20
C THR A 111 10.68 -6.24 16.05
N MET A 112 10.70 -5.30 15.12
CA MET A 112 11.56 -5.39 13.97
C MET A 112 13.01 -5.55 14.38
N LEU A 113 13.46 -4.80 15.37
CA LEU A 113 14.84 -4.97 15.80
C LEU A 113 15.01 -6.41 16.27
N GLY A 114 13.93 -6.96 16.83
CA GLY A 114 13.95 -8.33 17.31
C GLY A 114 14.06 -9.32 16.17
N LYS A 115 13.28 -9.10 15.12
CA LYS A 115 13.30 -9.95 13.94
C LYS A 115 14.64 -9.82 13.21
N GLN A 116 15.57 -9.09 13.81
CA GLN A 116 16.91 -8.86 13.25
C GLN A 116 16.97 -8.27 11.83
N VAL A 117 16.29 -7.14 11.63
CA VAL A 117 16.29 -6.45 10.35
C VAL A 117 17.65 -5.78 10.18
N ASP A 118 18.13 -5.66 8.96
CA ASP A 118 19.45 -5.05 8.68
C ASP A 118 19.32 -3.54 8.56
N GLY A 119 18.10 -3.05 8.76
CA GLY A 119 17.84 -1.62 8.66
C GLY A 119 16.36 -1.30 8.67
N ILE A 120 16.04 -0.04 8.92
CA ILE A 120 14.65 0.40 9.01
C ILE A 120 14.43 1.75 8.33
N VAL A 121 13.25 1.92 7.74
CA VAL A 121 12.86 3.19 7.11
C VAL A 121 11.62 3.57 7.90
N PHE A 122 11.61 4.78 8.46
CA PHE A 122 10.51 5.21 9.31
C PHE A 122 9.70 6.40 8.81
N MET A 123 8.38 6.27 8.88
CA MET A 123 7.50 7.36 8.46
C MET A 123 6.48 7.68 9.54
N GLY A 124 6.61 8.86 10.11
CA GLY A 124 5.71 9.27 11.15
C GLY A 124 5.35 10.72 11.00
N GLY A 125 4.39 11.15 11.80
CA GLY A 125 3.97 12.54 11.73
C GLY A 125 4.39 13.31 12.96
N ASN A 126 4.84 12.63 14.00
CA ASN A 126 5.24 13.35 15.19
C ASN A 126 6.45 12.69 15.83
N ILE A 127 7.64 13.09 15.40
CA ILE A 127 8.84 12.50 15.97
C ILE A 127 9.25 13.30 17.20
N THR A 128 9.06 12.69 18.36
CA THR A 128 9.41 13.32 19.64
C THR A 128 10.86 13.06 20.01
N ASP A 129 11.34 13.81 21.01
CA ASP A 129 12.71 13.69 21.49
C ASP A 129 13.00 12.24 21.87
N GLU A 130 11.96 11.53 22.28
CA GLU A 130 12.11 10.12 22.66
C GLU A 130 12.36 9.31 21.41
N HIS A 131 11.51 9.47 20.40
CA HIS A 131 11.69 8.75 19.14
C HIS A 131 13.14 8.89 18.73
N VAL A 132 13.65 10.11 18.81
CA VAL A 132 15.04 10.41 18.44
C VAL A 132 16.00 9.58 19.27
N ALA A 133 15.79 9.58 20.58
CA ALA A 133 16.63 8.85 21.50
C ALA A 133 16.59 7.37 21.14
N GLU A 134 15.39 6.87 20.89
CA GLU A 134 15.21 5.46 20.54
C GLU A 134 16.00 5.13 19.26
N PHE A 135 15.80 5.93 18.23
CA PHE A 135 16.51 5.71 16.97
C PHE A 135 18.00 5.67 17.19
N LYS A 136 18.53 6.70 17.85
CA LYS A 136 19.97 6.81 18.12
C LYS A 136 20.61 5.58 18.74
N ARG A 137 19.90 4.86 19.60
CA ARG A 137 20.48 3.67 20.20
C ARG A 137 19.99 2.41 19.51
N SER A 138 19.90 2.45 18.19
CA SER A 138 19.47 1.28 17.46
C SER A 138 20.70 0.60 16.93
N PRO A 139 20.70 -0.73 16.92
CA PRO A 139 21.86 -1.46 16.40
C PRO A 139 22.02 -1.23 14.92
N VAL A 140 20.91 -1.25 14.18
CA VAL A 140 20.95 -1.05 12.74
C VAL A 140 20.56 0.38 12.37
N PRO A 141 20.92 0.81 11.15
CA PRO A 141 20.64 2.15 10.61
C PRO A 141 19.16 2.41 10.48
N ILE A 142 18.75 3.63 10.78
CA ILE A 142 17.35 4.03 10.66
C ILE A 142 17.31 5.25 9.76
N VAL A 143 16.35 5.30 8.85
CA VAL A 143 16.20 6.42 7.91
C VAL A 143 14.75 6.88 7.81
N LEU A 144 14.50 8.15 8.07
CA LEU A 144 13.16 8.71 8.00
C LEU A 144 12.79 8.99 6.55
N ALA A 145 11.50 8.89 6.25
CA ALA A 145 11.03 9.16 4.90
C ALA A 145 9.86 10.13 4.95
N ALA A 146 10.03 11.28 4.29
CA ALA A 146 8.99 12.31 4.23
C ALA A 146 8.43 12.58 5.60
N SER A 147 9.31 12.78 6.56
CA SER A 147 8.85 13.07 7.89
C SER A 147 9.60 14.28 8.41
N VAL A 148 9.06 14.88 9.45
CA VAL A 148 9.66 16.08 10.04
C VAL A 148 10.29 15.81 11.40
N GLU A 149 11.52 16.26 11.55
CA GLU A 149 12.23 16.09 12.81
C GLU A 149 12.94 17.37 13.26
N GLU A 150 12.27 18.15 14.10
CA GLU A 150 12.82 19.41 14.61
C GLU A 150 14.29 19.29 14.98
N GLN A 151 14.64 18.24 15.71
CA GLN A 151 16.02 18.05 16.13
C GLN A 151 16.93 17.58 14.99
N GLU A 152 16.34 17.42 13.81
CA GLU A 152 17.05 16.96 12.62
C GLU A 152 18.42 16.33 12.85
N GLU A 153 18.43 15.19 13.54
CA GLU A 153 19.69 14.51 13.78
C GLU A 153 19.60 13.04 13.43
N THR A 154 18.57 12.69 12.65
CA THR A 154 18.37 11.33 12.19
C THR A 154 18.37 11.42 10.68
N PRO A 155 19.22 10.63 10.01
CA PRO A 155 19.17 10.77 8.56
C PRO A 155 17.73 10.67 8.01
N SER A 156 17.40 11.52 7.06
CA SER A 156 16.07 11.49 6.46
C SER A 156 16.12 12.11 5.07
N VAL A 157 15.08 11.83 4.30
CA VAL A 157 14.95 12.30 2.94
C VAL A 157 13.52 12.84 2.80
N ALA A 158 13.38 14.02 2.22
CA ALA A 158 12.07 14.64 2.04
C ALA A 158 12.20 15.92 1.23
N ILE A 159 11.25 16.83 1.38
CA ILE A 159 11.29 18.09 0.66
C ILE A 159 11.07 19.21 1.67
N ASP A 160 11.35 20.45 1.26
CA ASP A 160 11.15 21.57 2.16
C ASP A 160 9.69 22.02 2.06
N TYR A 161 8.87 21.56 3.01
CA TYR A 161 7.45 21.89 3.04
C TYR A 161 7.16 23.37 3.31
N GLU A 162 8.05 24.03 4.04
CA GLU A 162 7.82 25.44 4.34
C GLU A 162 8.06 26.25 3.07
N GLN A 163 9.06 25.85 2.28
CA GLN A 163 9.33 26.57 1.04
C GLN A 163 8.30 26.25 -0.04
N ALA A 164 7.88 25.00 -0.13
CA ALA A 164 6.89 24.63 -1.14
C ALA A 164 5.61 25.45 -0.96
N ILE A 165 5.09 25.56 0.25
CA ILE A 165 3.86 26.33 0.45
C ILE A 165 4.13 27.77 0.09
N TYR A 166 5.23 28.32 0.60
CA TYR A 166 5.62 29.69 0.29
C TYR A 166 5.56 29.94 -1.20
N ASP A 167 6.25 29.09 -1.97
CA ASP A 167 6.27 29.24 -3.42
C ASP A 167 4.83 29.28 -3.95
N ALA A 168 3.99 28.36 -3.47
CA ALA A 168 2.60 28.32 -3.92
C ALA A 168 1.83 29.57 -3.54
N VAL A 169 2.00 30.05 -2.31
CA VAL A 169 1.25 31.26 -1.96
C VAL A 169 1.75 32.45 -2.76
N LYS A 170 3.07 32.56 -2.90
CA LYS A 170 3.71 33.65 -3.65
C LYS A 170 3.13 33.71 -5.05
N LEU A 171 3.16 32.57 -5.71
CA LEU A 171 2.63 32.45 -7.06
C LEU A 171 1.25 33.09 -7.15
N LEU A 172 0.35 32.69 -6.26
CA LEU A 172 -1.00 33.24 -6.24
C LEU A 172 -0.97 34.74 -5.93
N VAL A 173 -0.07 35.15 -5.03
CA VAL A 173 0.05 36.58 -4.71
C VAL A 173 0.42 37.32 -5.98
N ASP A 174 1.43 36.82 -6.70
CA ASP A 174 1.85 37.47 -7.95
C ASP A 174 0.68 37.54 -8.93
N LYS A 175 -0.23 36.58 -8.88
CA LYS A 175 -1.37 36.62 -9.80
C LYS A 175 -2.34 37.71 -9.36
N GLY A 176 -1.93 38.52 -8.40
CA GLY A 176 -2.79 39.59 -7.93
C GLY A 176 -3.73 39.25 -6.79
N HIS A 177 -3.68 38.02 -6.29
CA HIS A 177 -4.56 37.64 -5.19
C HIS A 177 -4.11 38.42 -3.94
N THR A 178 -5.03 38.60 -3.01
CA THR A 178 -4.75 39.34 -1.77
C THR A 178 -5.36 38.65 -0.57
N ASP A 179 -6.44 37.92 -0.80
CA ASP A 179 -7.13 37.18 0.25
C ASP A 179 -7.00 35.71 -0.06
N ILE A 180 -5.90 35.12 0.39
CA ILE A 180 -5.58 33.71 0.15
C ILE A 180 -5.77 32.89 1.40
N ALA A 181 -6.53 31.80 1.29
CA ALA A 181 -6.80 30.95 2.44
C ALA A 181 -5.88 29.73 2.44
N PHE A 182 -5.94 28.97 3.52
CA PHE A 182 -5.12 27.78 3.63
C PHE A 182 -5.87 26.70 4.40
N VAL A 183 -6.17 25.60 3.73
CA VAL A 183 -6.85 24.49 4.33
C VAL A 183 -5.70 23.55 4.66
N SER A 184 -5.40 23.40 5.95
CA SER A 184 -4.29 22.54 6.33
C SER A 184 -4.65 21.13 6.74
N GLY A 185 -3.69 20.49 7.42
CA GLY A 185 -3.86 19.15 7.94
C GLY A 185 -3.89 19.31 9.45
N PRO A 186 -4.17 18.23 10.21
CA PRO A 186 -4.20 18.37 11.66
C PRO A 186 -3.04 19.18 12.18
N MET A 187 -3.33 20.26 12.90
CA MET A 187 -2.26 21.11 13.42
C MET A 187 -1.39 20.37 14.42
N ALA A 188 -1.80 19.19 14.85
CA ALA A 188 -1.00 18.42 15.80
C ALA A 188 0.36 18.16 15.18
N GLU A 189 0.35 17.40 14.08
CA GLU A 189 1.55 17.04 13.33
C GLU A 189 2.36 18.31 12.94
N PRO A 190 3.67 18.34 13.24
CA PRO A 190 4.52 19.48 12.92
C PRO A 190 4.51 19.87 11.45
N ILE A 191 4.47 18.87 10.58
CA ILE A 191 4.48 19.16 9.16
C ILE A 191 3.43 20.21 8.81
N ASN A 192 2.31 20.21 9.51
CA ASN A 192 1.24 21.18 9.28
C ASN A 192 1.41 22.45 10.12
N ARG A 193 1.65 22.31 11.42
CA ARG A 193 1.82 23.44 12.32
C ARG A 193 3.14 24.18 12.15
N SER A 194 4.22 23.43 11.99
CA SER A 194 5.54 24.04 11.88
C SER A 194 6.15 24.22 10.49
N LYS A 195 5.56 23.60 9.48
CA LYS A 195 6.13 23.75 8.16
C LYS A 195 5.14 24.35 7.16
N LYS A 196 4.20 23.54 6.70
CA LYS A 196 3.23 24.04 5.74
C LYS A 196 2.64 25.39 6.15
N LEU A 197 2.17 25.49 7.40
CA LEU A 197 1.57 26.75 7.88
C LEU A 197 2.51 27.94 7.82
N GLN A 198 3.71 27.79 8.38
CA GLN A 198 4.69 28.88 8.37
C GLN A 198 5.05 29.31 6.96
N GLY A 199 5.14 28.33 6.06
CA GLY A 199 5.45 28.65 4.68
C GLY A 199 4.36 29.59 4.21
N TYR A 200 3.14 29.31 4.64
CA TYR A 200 1.98 30.13 4.29
C TYR A 200 2.05 31.52 4.94
N LYS A 201 2.27 31.55 6.25
CA LYS A 201 2.34 32.83 6.95
C LYS A 201 3.49 33.69 6.47
N ARG A 202 4.58 33.07 6.07
CA ARG A 202 5.74 33.82 5.62
C ARG A 202 5.49 34.54 4.31
N ALA A 203 5.03 33.81 3.29
CA ALA A 203 4.74 34.40 1.98
C ALA A 203 3.90 35.64 2.14
N LEU A 204 2.88 35.56 3.00
CA LEU A 204 2.03 36.72 3.24
C LEU A 204 2.81 37.88 3.90
N GLU A 205 3.67 37.59 4.88
CA GLU A 205 4.44 38.66 5.53
C GLU A 205 5.44 39.30 4.58
N GLU A 206 6.08 38.49 3.75
CA GLU A 206 7.03 39.03 2.82
C GLU A 206 6.33 39.77 1.68
N ALA A 207 5.00 39.73 1.70
CA ALA A 207 4.19 40.40 0.68
C ALA A 207 3.53 41.63 1.31
N ASN A 208 3.73 41.77 2.62
CA ASN A 208 3.16 42.88 3.38
C ASN A 208 1.65 42.75 3.57
N LEU A 209 1.14 41.57 3.28
CA LEU A 209 -0.29 41.28 3.43
C LEU A 209 -0.53 40.80 4.85
N PRO A 210 -1.57 41.31 5.51
CA PRO A 210 -1.92 40.94 6.88
C PRO A 210 -2.40 39.49 7.03
N PHE A 211 -2.09 38.89 8.17
CA PHE A 211 -2.50 37.51 8.44
C PHE A 211 -3.95 37.49 8.89
N ASN A 212 -4.78 36.71 8.22
CA ASN A 212 -6.20 36.62 8.56
C ASN A 212 -6.53 35.26 9.13
N GLU A 213 -6.62 35.17 10.45
CA GLU A 213 -6.95 33.92 11.11
C GLU A 213 -8.07 33.13 10.43
N GLN A 214 -9.18 33.79 10.13
CA GLN A 214 -10.30 33.11 9.50
C GLN A 214 -9.98 32.45 8.17
N PHE A 215 -8.80 32.73 7.64
CA PHE A 215 -8.41 32.17 6.37
C PHE A 215 -7.60 30.88 6.53
N VAL A 216 -7.46 30.41 7.76
CA VAL A 216 -6.72 29.19 8.02
C VAL A 216 -7.68 28.08 8.50
N ALA A 217 -8.03 27.18 7.60
CA ALA A 217 -8.95 26.08 7.89
C ALA A 217 -8.18 24.79 8.17
N GLU A 218 -8.54 24.11 9.26
CA GLU A 218 -7.89 22.87 9.64
C GLU A 218 -8.63 21.61 9.25
N GLY A 219 -8.27 21.04 8.11
CA GLY A 219 -8.92 19.81 7.67
C GLY A 219 -8.27 18.67 8.41
N ASP A 220 -8.48 17.44 7.93
CA ASP A 220 -7.88 16.25 8.54
C ASP A 220 -7.42 15.23 7.49
N TYR A 221 -7.12 15.72 6.28
CA TYR A 221 -6.65 14.92 5.14
C TYR A 221 -7.81 14.23 4.47
N THR A 222 -8.99 14.38 5.05
CA THR A 222 -10.22 13.75 4.53
C THR A 222 -10.88 14.52 3.42
N TYR A 223 -11.11 13.85 2.29
CA TYR A 223 -11.79 14.49 1.17
C TYR A 223 -12.97 15.32 1.70
N ASP A 224 -13.70 14.80 2.67
CA ASP A 224 -14.85 15.52 3.23
C ASP A 224 -14.47 16.76 4.03
N SER A 225 -13.39 16.68 4.79
CA SER A 225 -12.96 17.84 5.56
C SER A 225 -12.64 18.94 4.54
N GLY A 226 -12.47 18.53 3.29
CA GLY A 226 -12.20 19.47 2.22
C GLY A 226 -13.47 20.21 1.92
N LEU A 227 -14.54 19.48 1.64
CA LEU A 227 -15.82 20.11 1.36
C LEU A 227 -16.19 21.07 2.47
N GLU A 228 -15.99 20.67 3.72
CA GLU A 228 -16.35 21.55 4.82
C GLU A 228 -15.49 22.80 4.93
N ALA A 229 -14.20 22.67 4.64
CA ALA A 229 -13.32 23.84 4.72
C ALA A 229 -13.83 24.92 3.76
N LEU A 230 -14.19 24.52 2.56
CA LEU A 230 -14.70 25.48 1.59
C LEU A 230 -15.92 26.17 2.18
N GLN A 231 -16.95 25.39 2.48
CA GLN A 231 -18.17 25.94 3.05
C GLN A 231 -17.90 27.01 4.11
N HIS A 232 -17.01 26.73 5.05
CA HIS A 232 -16.70 27.71 6.08
C HIS A 232 -16.07 28.99 5.50
N LEU A 233 -15.09 28.84 4.63
CA LEU A 233 -14.45 30.03 4.03
C LEU A 233 -15.42 30.85 3.20
N MET A 234 -16.24 30.19 2.40
CA MET A 234 -17.21 30.88 1.55
C MET A 234 -18.41 31.26 2.40
N SER A 235 -18.21 31.26 3.70
CA SER A 235 -19.26 31.61 4.64
C SER A 235 -18.90 32.92 5.35
N LEU A 236 -17.63 33.30 5.26
CA LEU A 236 -17.11 34.52 5.89
C LEU A 236 -17.59 35.78 5.22
N ASP A 237 -17.55 36.89 5.93
CA ASP A 237 -17.96 38.15 5.33
C ASP A 237 -16.93 38.53 4.27
N LYS A 238 -15.66 38.27 4.56
CA LYS A 238 -14.59 38.57 3.62
C LYS A 238 -14.07 37.22 3.13
N LYS A 239 -14.61 36.77 2.00
CA LYS A 239 -14.23 35.50 1.41
C LYS A 239 -12.85 35.55 0.74
N PRO A 240 -12.24 34.39 0.52
CA PRO A 240 -10.92 34.32 -0.12
C PRO A 240 -11.12 34.37 -1.62
N THR A 241 -10.06 34.60 -2.37
CA THR A 241 -10.19 34.60 -3.82
C THR A 241 -9.46 33.38 -4.33
N ALA A 242 -8.60 32.84 -3.48
CA ALA A 242 -7.83 31.67 -3.82
C ALA A 242 -7.64 30.84 -2.56
N ILE A 243 -7.56 29.52 -2.74
CA ILE A 243 -7.37 28.66 -1.59
C ILE A 243 -6.24 27.68 -1.84
N LEU A 244 -5.40 27.49 -0.83
CA LEU A 244 -4.32 26.54 -0.98
C LEU A 244 -4.63 25.38 -0.02
N SER A 245 -4.64 24.18 -0.57
CA SER A 245 -4.90 22.99 0.25
C SER A 245 -3.58 22.32 0.57
N ALA A 246 -3.45 21.82 1.78
CA ALA A 246 -2.22 21.15 2.17
C ALA A 246 -2.14 19.74 1.60
N THR A 247 -3.21 19.30 0.93
CA THR A 247 -3.30 17.95 0.34
C THR A 247 -4.27 17.89 -0.85
N ASP A 248 -3.93 17.14 -1.89
CA ASP A 248 -4.82 17.02 -3.04
C ASP A 248 -6.19 16.49 -2.63
N GLU A 249 -6.20 15.39 -1.88
CA GLU A 249 -7.49 14.85 -1.45
C GLU A 249 -8.37 15.97 -0.91
N MET A 250 -7.81 16.84 -0.09
CA MET A 250 -8.65 17.91 0.43
C MET A 250 -9.02 18.86 -0.69
N ALA A 251 -8.08 19.09 -1.60
CA ALA A 251 -8.34 20.00 -2.72
C ALA A 251 -9.55 19.57 -3.56
N LEU A 252 -9.67 18.27 -3.85
CA LEU A 252 -10.83 17.82 -4.63
C LEU A 252 -12.10 18.11 -3.84
N GLY A 253 -12.00 18.02 -2.51
CA GLY A 253 -13.15 18.31 -1.68
C GLY A 253 -13.53 19.77 -1.88
N ILE A 254 -12.49 20.61 -1.96
CA ILE A 254 -12.64 22.05 -2.17
C ILE A 254 -13.34 22.28 -3.52
N ILE A 255 -12.76 21.74 -4.60
CA ILE A 255 -13.30 21.92 -5.95
C ILE A 255 -14.77 21.50 -6.01
N HIS A 256 -15.04 20.26 -5.64
CA HIS A 256 -16.41 19.76 -5.70
C HIS A 256 -17.37 20.49 -4.78
N ALA A 257 -16.91 20.84 -3.60
CA ALA A 257 -17.79 21.55 -2.68
C ALA A 257 -18.21 22.87 -3.31
N ALA A 258 -17.23 23.63 -3.78
CA ALA A 258 -17.52 24.91 -4.39
C ALA A 258 -18.29 24.68 -5.67
N GLN A 259 -17.97 23.59 -6.35
CA GLN A 259 -18.66 23.29 -7.59
C GLN A 259 -20.16 23.15 -7.30
N ASP A 260 -20.50 22.62 -6.14
CA ASP A 260 -21.89 22.44 -5.72
C ASP A 260 -22.57 23.75 -5.31
N GLN A 261 -21.83 24.65 -4.69
CA GLN A 261 -22.39 25.93 -4.28
C GLN A 261 -22.62 26.82 -5.50
N GLY A 262 -22.34 26.28 -6.68
CA GLY A 262 -22.53 27.04 -7.89
C GLY A 262 -21.32 27.78 -8.41
N LEU A 263 -20.29 27.94 -7.58
CA LEU A 263 -19.08 28.63 -8.00
C LEU A 263 -18.51 27.90 -9.19
N SER A 264 -17.68 28.60 -9.94
CA SER A 264 -17.09 27.98 -11.11
C SER A 264 -15.56 28.02 -11.12
N ILE A 265 -14.96 26.91 -10.73
CA ILE A 265 -13.51 26.81 -10.70
C ILE A 265 -13.02 26.65 -12.14
N PRO A 266 -11.96 27.39 -12.54
CA PRO A 266 -11.16 28.36 -11.78
C PRO A 266 -11.64 29.81 -11.82
N GLU A 267 -12.67 30.08 -12.63
CA GLU A 267 -13.19 31.44 -12.77
C GLU A 267 -13.52 32.15 -11.47
N ASP A 268 -14.28 31.49 -10.59
CA ASP A 268 -14.68 32.11 -9.32
C ASP A 268 -13.74 31.87 -8.15
N LEU A 269 -12.83 30.91 -8.29
CA LEU A 269 -11.95 30.60 -7.18
C LEU A 269 -10.70 29.89 -7.68
N ASP A 270 -9.52 30.39 -7.31
CA ASP A 270 -8.31 29.71 -7.75
C ASP A 270 -7.97 28.66 -6.70
N ILE A 271 -7.81 27.41 -7.13
CA ILE A 271 -7.48 26.35 -6.19
C ILE A 271 -6.16 25.69 -6.51
N ILE A 272 -5.38 25.40 -5.47
CA ILE A 272 -4.09 24.74 -5.62
C ILE A 272 -3.95 23.66 -4.56
N GLY A 273 -3.69 22.45 -5.00
CA GLY A 273 -3.54 21.33 -4.09
C GLY A 273 -2.08 21.03 -3.83
N PHE A 274 -1.83 20.01 -3.03
CA PHE A 274 -0.46 19.65 -2.66
C PHE A 274 -0.28 18.13 -2.70
N ASP A 275 0.80 17.68 -3.33
CA ASP A 275 1.18 16.27 -3.48
C ASP A 275 1.37 15.80 -4.94
N ASN A 276 0.53 16.32 -5.84
CA ASN A 276 0.58 15.92 -7.25
C ASN A 276 0.43 14.42 -7.35
N THR A 277 -0.66 13.93 -6.78
CA THR A 277 -0.96 12.51 -6.79
C THR A 277 -1.74 12.19 -8.06
N ARG A 278 -2.04 10.90 -8.23
CA ARG A 278 -2.81 10.46 -9.38
C ARG A 278 -4.15 11.20 -9.40
N LEU A 279 -4.65 11.59 -8.24
CA LEU A 279 -5.94 12.29 -8.21
C LEU A 279 -5.92 13.61 -8.96
N SER A 280 -4.85 14.39 -8.76
CA SER A 280 -4.69 15.69 -9.41
C SER A 280 -5.19 15.67 -10.86
N LEU A 281 -4.87 14.60 -11.57
CA LEU A 281 -5.28 14.47 -12.95
C LEU A 281 -6.73 14.02 -13.06
N MET A 282 -7.12 13.06 -12.24
CA MET A 282 -8.50 12.56 -12.29
C MET A 282 -9.55 13.50 -11.69
N VAL A 283 -9.43 14.79 -11.99
CA VAL A 283 -10.37 15.79 -11.48
C VAL A 283 -10.73 16.74 -12.60
N ARG A 284 -11.96 17.24 -12.56
CA ARG A 284 -12.40 18.19 -13.56
C ARG A 284 -12.90 19.43 -12.81
N PRO A 285 -12.23 20.56 -12.98
CA PRO A 285 -11.04 20.78 -13.81
C PRO A 285 -9.76 20.16 -13.26
N GLN A 286 -8.75 20.04 -14.10
CA GLN A 286 -7.46 19.49 -13.72
C GLN A 286 -6.84 20.32 -12.58
N LEU A 287 -6.51 19.67 -11.48
CA LEU A 287 -5.97 20.35 -10.30
C LEU A 287 -4.51 20.79 -10.36
N SER A 288 -4.27 22.09 -10.24
CA SER A 288 -2.89 22.59 -10.23
C SER A 288 -2.36 22.24 -8.84
N THR A 289 -1.14 21.73 -8.76
CA THR A 289 -0.60 21.33 -7.48
C THR A 289 0.88 21.52 -7.36
N VAL A 290 1.35 21.41 -6.11
CA VAL A 290 2.74 21.50 -5.73
C VAL A 290 3.17 20.04 -5.89
N VAL A 291 4.17 19.81 -6.72
CA VAL A 291 4.66 18.47 -6.97
C VAL A 291 5.63 18.04 -5.90
N GLN A 292 5.43 16.82 -5.39
CA GLN A 292 6.31 16.24 -4.38
C GLN A 292 6.65 14.86 -4.95
N PRO A 293 7.93 14.61 -5.25
CA PRO A 293 8.36 13.32 -5.80
C PRO A 293 8.23 12.19 -4.80
N THR A 294 7.02 12.00 -4.28
CA THR A 294 6.73 10.97 -3.30
C THR A 294 7.53 9.71 -3.52
N TYR A 295 7.28 9.04 -4.64
CA TYR A 295 8.00 7.80 -4.98
C TYR A 295 9.50 7.99 -4.77
N ASP A 296 10.04 9.05 -5.37
CA ASP A 296 11.47 9.34 -5.25
C ASP A 296 11.89 9.42 -3.80
N ILE A 297 11.02 9.94 -2.94
CA ILE A 297 11.31 10.05 -1.50
C ILE A 297 11.50 8.63 -0.95
N GLY A 298 10.57 7.74 -1.29
CA GLY A 298 10.64 6.38 -0.81
C GLY A 298 11.84 5.65 -1.36
N ALA A 299 12.27 6.03 -2.56
CA ALA A 299 13.40 5.40 -3.21
C ALA A 299 14.74 5.95 -2.74
N VAL A 300 14.85 7.26 -2.65
CA VAL A 300 16.12 7.82 -2.23
C VAL A 300 16.33 7.49 -0.76
N ALA A 301 15.25 7.32 -0.02
CA ALA A 301 15.35 6.96 1.41
C ALA A 301 15.91 5.55 1.55
N MET A 302 15.38 4.60 0.78
CA MET A 302 15.85 3.22 0.83
C MET A 302 17.24 3.10 0.26
N ARG A 303 17.55 3.93 -0.74
CA ARG A 303 18.86 3.89 -1.34
C ARG A 303 19.86 4.40 -0.32
N LEU A 304 19.43 5.36 0.50
CA LEU A 304 20.32 5.92 1.53
C LEU A 304 20.60 4.87 2.60
N LEU A 305 19.55 4.10 2.93
CA LEU A 305 19.65 3.05 3.93
C LEU A 305 20.61 1.95 3.49
N THR A 306 20.63 1.64 2.20
CA THR A 306 21.53 0.59 1.71
C THR A 306 22.97 1.03 1.97
N LYS A 307 23.27 2.28 1.66
CA LYS A 307 24.61 2.79 1.90
C LYS A 307 24.95 2.59 3.38
N LEU A 308 24.08 3.12 4.25
CA LEU A 308 24.28 3.00 5.69
C LEU A 308 24.37 1.55 6.21
N MET A 309 23.62 0.63 5.60
CA MET A 309 23.67 -0.75 6.07
C MET A 309 25.00 -1.35 5.66
N ASN A 310 25.55 -0.85 4.58
CA ASN A 310 26.82 -1.34 4.09
C ASN A 310 28.00 -0.56 4.67
N LYS A 311 27.75 0.03 5.85
CA LYS A 311 28.75 0.80 6.56
C LYS A 311 29.65 1.63 5.66
N GLU A 312 29.10 2.26 4.63
CA GLU A 312 29.92 3.10 3.76
C GLU A 312 29.68 4.57 4.08
N PRO A 313 30.65 5.44 3.75
CA PRO A 313 30.56 6.88 3.99
C PRO A 313 29.43 7.53 3.22
N VAL A 314 28.90 8.62 3.77
CA VAL A 314 27.81 9.37 3.13
C VAL A 314 27.88 10.88 3.43
N GLU A 315 27.66 11.67 2.38
CA GLU A 315 27.68 13.13 2.48
C GLU A 315 26.31 13.63 2.96
N GLU A 316 26.26 14.20 4.16
CA GLU A 316 24.99 14.70 4.67
C GLU A 316 23.98 13.58 4.92
N HIS A 317 23.47 13.52 6.15
CA HIS A 317 22.48 12.52 6.56
C HIS A 317 21.06 12.99 6.30
N ILE A 318 20.90 14.30 6.14
CA ILE A 318 19.59 14.88 5.84
C ILE A 318 19.60 15.22 4.35
N VAL A 319 18.59 14.75 3.63
CA VAL A 319 18.52 15.01 2.21
C VAL A 319 17.19 15.68 1.83
N GLU A 320 17.29 16.71 1.01
CA GLU A 320 16.10 17.42 0.56
C GLU A 320 15.98 17.30 -0.96
N LEU A 321 14.89 16.70 -1.43
CA LEU A 321 14.68 16.55 -2.87
C LEU A 321 13.94 17.80 -3.32
N PRO A 322 14.13 18.21 -4.57
CA PRO A 322 13.48 19.41 -5.12
C PRO A 322 11.97 19.29 -5.31
N HIS A 323 11.30 20.43 -5.47
CA HIS A 323 9.85 20.47 -5.68
C HIS A 323 9.52 21.52 -6.72
N ARG A 324 8.29 21.49 -7.22
CA ARG A 324 7.84 22.43 -8.24
C ARG A 324 6.32 22.44 -8.35
N ILE A 325 5.76 23.59 -8.72
CA ILE A 325 4.31 23.72 -8.86
C ILE A 325 3.94 23.40 -10.31
N GLU A 326 2.93 22.56 -10.49
CA GLU A 326 2.46 22.19 -11.82
C GLU A 326 1.04 22.74 -11.98
N LEU A 327 0.90 23.79 -12.77
CA LEU A 327 -0.40 24.43 -12.99
C LEU A 327 -1.23 23.74 -14.05
N ARG A 328 -2.45 23.37 -13.68
CA ARG A 328 -3.36 22.70 -14.60
C ARG A 328 -4.46 23.65 -15.09
N LYS A 329 -5.70 23.40 -14.67
CA LYS A 329 -6.82 24.23 -15.12
C LYS A 329 -7.63 24.76 -13.94
N SER A 330 -7.25 24.32 -12.75
CA SER A 330 -7.90 24.72 -11.50
C SER A 330 -7.38 26.10 -11.10
N THR A 331 -6.74 26.76 -12.06
CA THR A 331 -6.13 28.05 -11.83
C THR A 331 -6.15 28.90 -13.11
N LYS A 332 -6.63 30.13 -13.01
CA LYS A 332 -6.71 31.02 -14.17
C LYS A 332 -5.35 31.24 -14.84
N ALA B 1 31.93 8.27 -25.16
CA ALA B 1 30.55 8.31 -25.73
C ALA B 1 29.81 9.51 -25.18
N GLN B 2 28.64 9.81 -25.74
CA GLN B 2 27.84 10.94 -25.29
C GLN B 2 26.55 11.06 -26.10
N LYS B 3 25.57 11.77 -25.55
CA LYS B 3 24.29 11.94 -26.22
C LYS B 3 23.42 12.89 -25.40
N THR B 4 22.83 13.87 -26.06
CA THR B 4 21.97 14.83 -25.39
C THR B 4 20.51 14.59 -25.81
N PHE B 5 19.63 14.40 -24.84
CA PHE B 5 18.21 14.17 -25.11
C PHE B 5 17.38 15.37 -24.65
N LYS B 6 16.06 15.20 -24.71
CA LYS B 6 15.13 16.23 -24.27
C LYS B 6 13.96 15.52 -23.62
N VAL B 7 13.94 15.50 -22.28
CA VAL B 7 12.89 14.81 -21.55
C VAL B 7 11.52 15.22 -22.03
N THR B 8 10.81 14.25 -22.57
CA THR B 8 9.49 14.50 -23.09
C THR B 8 8.45 14.02 -22.10
N ALA B 9 8.86 13.12 -21.22
CA ALA B 9 7.99 12.54 -20.20
C ALA B 9 7.41 13.57 -19.25
N ASP B 10 6.10 13.52 -19.07
CA ASP B 10 5.42 14.46 -18.18
C ASP B 10 6.02 14.41 -16.78
N SER B 11 6.00 13.22 -16.17
CA SER B 11 6.55 13.07 -14.84
C SER B 11 8.04 13.32 -14.81
N GLY B 12 8.65 13.46 -15.99
CA GLY B 12 10.08 13.71 -16.08
C GLY B 12 10.90 12.48 -15.78
N ILE B 13 12.12 12.68 -15.30
CA ILE B 13 13.00 11.56 -14.93
C ILE B 13 12.79 11.26 -13.45
N HIS B 14 11.74 10.53 -13.14
CA HIS B 14 11.41 10.19 -11.77
C HIS B 14 10.69 8.85 -11.73
N ALA B 15 10.42 8.38 -10.51
CA ALA B 15 9.68 7.15 -10.30
C ALA B 15 10.29 5.92 -10.95
N ARG B 16 9.46 4.89 -11.13
CA ARG B 16 9.91 3.63 -11.73
C ARG B 16 10.80 3.90 -12.96
N PRO B 17 10.28 4.68 -13.93
CA PRO B 17 11.03 5.00 -15.14
C PRO B 17 12.46 5.44 -14.85
N ALA B 18 12.62 6.32 -13.85
CA ALA B 18 13.95 6.79 -13.50
C ALA B 18 14.74 5.63 -12.94
N THR B 19 14.05 4.76 -12.21
CA THR B 19 14.70 3.60 -11.61
C THR B 19 15.25 2.69 -12.68
N VAL B 20 14.42 2.38 -13.67
CA VAL B 20 14.84 1.52 -14.78
C VAL B 20 16.10 2.10 -15.44
N LEU B 21 16.05 3.39 -15.79
CA LEU B 21 17.21 4.02 -16.42
C LEU B 21 18.47 3.83 -15.57
N VAL B 22 18.38 4.02 -14.25
CA VAL B 22 19.55 3.86 -13.37
C VAL B 22 20.06 2.41 -13.28
N GLN B 23 19.17 1.44 -13.45
CA GLN B 23 19.57 0.03 -13.37
C GLN B 23 20.33 -0.36 -14.63
N THR B 24 19.83 0.05 -15.78
CA THR B 24 20.49 -0.26 -17.03
C THR B 24 21.94 0.20 -16.97
N ALA B 25 22.14 1.51 -16.82
CA ALA B 25 23.49 2.04 -16.75
C ALA B 25 24.34 1.29 -15.73
N SER B 26 23.68 0.71 -14.73
CA SER B 26 24.37 -0.03 -13.66
C SER B 26 25.03 -1.34 -14.07
N LYS B 27 24.47 -2.01 -15.07
CA LYS B 27 25.04 -3.29 -15.48
C LYS B 27 26.25 -3.22 -16.41
N TYR B 28 26.66 -2.01 -16.80
CA TYR B 28 27.81 -1.86 -17.69
C TYR B 28 29.07 -1.38 -16.95
N ASP B 29 30.20 -1.98 -17.32
CA ASP B 29 31.50 -1.68 -16.74
C ASP B 29 31.90 -0.22 -16.87
N ALA B 30 31.82 0.30 -18.08
CA ALA B 30 32.17 1.69 -18.33
C ALA B 30 31.40 2.62 -17.41
N ASP B 31 32.04 3.72 -17.02
CA ASP B 31 31.40 4.70 -16.15
C ASP B 31 30.31 5.43 -16.95
N VAL B 32 29.15 5.61 -16.32
CA VAL B 32 28.04 6.30 -16.95
C VAL B 32 27.67 7.54 -16.15
N ASN B 33 27.41 8.65 -16.84
CA ASN B 33 27.04 9.89 -16.20
C ASN B 33 25.79 10.54 -16.78
N LEU B 34 25.27 11.52 -16.06
CA LEU B 34 24.09 12.26 -16.46
C LEU B 34 24.35 13.71 -16.08
N GLU B 35 24.34 14.60 -17.07
CA GLU B 35 24.56 16.01 -16.80
C GLU B 35 23.29 16.79 -17.10
N TYR B 36 22.83 17.53 -16.09
CA TYR B 36 21.62 18.32 -16.22
C TYR B 36 22.02 19.77 -16.07
N ASN B 37 21.94 20.51 -17.19
CA ASN B 37 22.30 21.91 -17.23
C ASN B 37 23.20 22.33 -16.07
N GLY B 38 24.45 21.89 -16.11
CA GLY B 38 25.38 22.27 -15.06
C GLY B 38 25.92 21.11 -14.26
N LYS B 39 25.16 20.66 -13.28
CA LYS B 39 25.59 19.55 -12.44
C LYS B 39 25.64 18.25 -13.19
N THR B 40 26.51 17.36 -12.73
CA THR B 40 26.69 16.06 -13.34
C THR B 40 26.72 14.98 -12.27
N VAL B 41 25.91 13.95 -12.45
CA VAL B 41 25.81 12.86 -11.50
C VAL B 41 26.07 11.50 -12.12
N ASN B 42 26.17 10.47 -11.28
CA ASN B 42 26.44 9.11 -11.73
C ASN B 42 25.12 8.41 -12.08
N LEU B 43 24.93 8.09 -13.35
CA LEU B 43 23.68 7.44 -13.79
C LEU B 43 23.42 6.08 -13.15
N LYS B 44 24.43 5.58 -12.44
CA LYS B 44 24.28 4.31 -11.77
C LYS B 44 23.91 4.54 -10.30
N ILE B 46 20.94 5.96 -7.76
CA ILE B 46 19.54 6.36 -7.57
C ILE B 46 19.42 7.74 -6.95
N MET B 47 20.31 8.08 -6.03
CA MET B 47 20.25 9.38 -5.38
C MET B 47 20.64 10.53 -6.28
N GLY B 48 21.67 10.31 -7.10
CA GLY B 48 22.11 11.34 -8.02
C GLY B 48 21.05 11.71 -9.04
N VAL B 49 20.50 10.72 -9.74
CA VAL B 49 19.50 10.98 -10.77
C VAL B 49 18.25 11.66 -10.25
N MET B 50 17.83 11.26 -9.05
CA MET B 50 16.62 11.84 -8.49
C MET B 50 16.83 13.17 -7.79
N SER B 51 18.09 13.54 -7.56
CA SER B 51 18.34 14.81 -6.90
C SER B 51 18.29 15.99 -7.87
N LEU B 52 18.48 15.74 -9.17
CA LEU B 52 18.44 16.83 -10.15
C LEU B 52 17.01 17.35 -10.39
N GLY B 53 16.01 16.49 -10.18
CA GLY B 53 14.63 16.92 -10.38
C GLY B 53 14.33 17.27 -11.83
N ILE B 54 14.97 16.54 -12.74
CA ILE B 54 14.81 16.75 -14.17
C ILE B 54 13.36 16.61 -14.65
N ALA B 55 12.69 17.75 -14.82
CA ALA B 55 11.29 17.73 -15.28
C ALA B 55 11.18 17.85 -16.80
N LYS B 56 10.00 17.54 -17.32
CA LYS B 56 9.76 17.62 -18.77
C LYS B 56 10.32 18.91 -19.33
N GLY B 57 10.62 18.91 -20.62
CA GLY B 57 11.14 20.10 -21.26
C GLY B 57 12.52 20.52 -20.81
N ALA B 58 13.37 19.54 -20.54
CA ALA B 58 14.74 19.84 -20.10
C ALA B 58 15.71 19.11 -21.01
N GLU B 59 16.98 19.45 -20.91
CA GLU B 59 17.98 18.78 -21.74
C GLU B 59 19.07 18.20 -20.87
N ILE B 60 19.35 16.92 -21.08
CA ILE B 60 20.38 16.22 -20.34
C ILE B 60 21.39 15.61 -21.30
N THR B 61 22.53 15.21 -20.77
CA THR B 61 23.61 14.64 -21.55
C THR B 61 24.10 13.33 -20.91
N ILE B 62 23.80 12.21 -21.56
CA ILE B 62 24.19 10.90 -21.06
C ILE B 62 25.53 10.48 -21.66
N SER B 63 26.57 10.42 -20.85
CA SER B 63 27.89 10.05 -21.33
C SER B 63 28.35 8.71 -20.75
N ALA B 64 29.21 8.01 -21.48
CA ALA B 64 29.75 6.70 -21.04
C ALA B 64 31.18 6.53 -21.55
N SER B 65 32.08 6.08 -20.68
CA SER B 65 33.48 5.87 -21.07
C SER B 65 34.07 4.65 -20.38
N GLY B 66 34.88 3.89 -21.12
CA GLY B 66 35.49 2.71 -20.54
C GLY B 66 35.37 1.55 -21.50
N ALA B 67 35.27 0.34 -20.97
CA ALA B 67 35.16 -0.85 -21.79
C ALA B 67 33.93 -0.81 -22.69
N ASP B 68 32.81 -1.33 -22.18
CA ASP B 68 31.56 -1.37 -22.93
C ASP B 68 30.90 0.01 -23.05
N GLU B 69 31.73 1.06 -23.10
CA GLU B 69 31.20 2.40 -23.19
C GLU B 69 30.39 2.66 -24.47
N ASN B 70 30.35 1.68 -25.34
CA ASN B 70 29.58 1.80 -26.57
C ASN B 70 28.22 1.16 -26.41
N ASP B 71 28.22 -0.13 -26.09
CA ASP B 71 26.98 -0.85 -25.90
C ASP B 71 26.19 -0.15 -24.80
N ALA B 72 26.91 0.52 -23.90
CA ALA B 72 26.28 1.22 -22.79
C ALA B 72 25.41 2.36 -23.30
N LEU B 73 26.03 3.32 -23.98
CA LEU B 73 25.32 4.46 -24.52
C LEU B 73 24.14 4.01 -25.38
N ASN B 74 24.31 2.91 -26.10
CA ASN B 74 23.24 2.40 -26.94
C ASN B 74 22.04 1.89 -26.15
N ALA B 75 22.31 1.02 -25.18
CA ALA B 75 21.27 0.44 -24.34
C ALA B 75 20.46 1.51 -23.60
N LEU B 76 21.16 2.52 -23.12
CA LEU B 76 20.53 3.63 -22.41
C LEU B 76 19.57 4.34 -23.36
N GLU B 77 20.07 4.74 -24.52
CA GLU B 77 19.25 5.42 -25.53
C GLU B 77 17.95 4.65 -25.76
N GLU B 78 18.05 3.33 -25.74
CA GLU B 78 16.90 2.46 -25.97
C GLU B 78 15.94 2.59 -24.80
N THR B 79 16.48 2.40 -23.59
CA THR B 79 15.68 2.51 -22.39
C THR B 79 15.00 3.90 -22.42
N MET B 80 15.80 4.93 -22.65
CA MET B 80 15.32 6.30 -22.72
C MET B 80 13.97 6.43 -23.44
N LYS B 81 13.91 5.92 -24.67
CA LYS B 81 12.67 6.00 -25.44
C LYS B 81 11.76 4.83 -25.17
N SER B 82 12.32 3.75 -24.64
CA SER B 82 11.53 2.58 -24.35
C SER B 82 10.58 2.87 -23.19
N GLU B 83 11.11 3.53 -22.16
CA GLU B 83 10.33 3.87 -20.99
C GLU B 83 9.53 5.16 -21.22
N GLY B 84 9.61 5.68 -22.44
CA GLY B 84 8.89 6.89 -22.80
C GLY B 84 9.43 8.13 -22.10
N LEU B 85 10.76 8.22 -22.00
CA LEU B 85 11.40 9.34 -21.31
C LEU B 85 11.85 10.50 -22.19
N GLY B 86 13.02 10.36 -22.81
CA GLY B 86 13.52 11.43 -23.66
C GLY B 86 13.71 11.05 -25.12
N GLU B 87 13.95 12.06 -25.94
CA GLU B 87 14.16 11.85 -27.36
C GLU B 87 15.56 12.33 -27.73
N MET C 1 26.41 -5.59 18.97
CA MET C 1 26.36 -7.03 19.37
C MET C 1 25.33 -7.18 20.48
N ASN C 2 24.11 -7.56 20.12
CA ASN C 2 23.03 -7.73 21.09
C ASN C 2 23.38 -8.73 22.19
N ILE C 3 22.70 -8.63 23.33
CA ILE C 3 22.97 -9.53 24.44
C ILE C 3 22.11 -10.79 24.33
N THR C 4 22.75 -11.95 24.45
CA THR C 4 22.03 -13.22 24.33
C THR C 4 21.47 -13.68 25.68
N ILE C 5 20.74 -14.80 25.67
CA ILE C 5 20.19 -15.32 26.91
C ILE C 5 21.30 -15.75 27.83
N TYR C 6 22.53 -15.77 27.32
CA TYR C 6 23.64 -16.15 28.17
C TYR C 6 24.00 -14.99 29.09
N ASP C 7 23.89 -13.77 28.59
CA ASP C 7 24.20 -12.60 29.42
C ASP C 7 23.17 -12.51 30.54
N VAL C 8 21.93 -12.85 30.23
CA VAL C 8 20.88 -12.81 31.23
C VAL C 8 21.20 -13.87 32.28
N ALA C 9 21.36 -15.12 31.84
CA ALA C 9 21.68 -16.21 32.75
C ALA C 9 22.82 -15.83 33.67
N ARG C 10 23.74 -15.02 33.16
CA ARG C 10 24.86 -14.59 33.98
C ARG C 10 24.35 -13.65 35.05
N GLU C 11 23.68 -12.58 34.61
CA GLU C 11 23.12 -11.58 35.51
C GLU C 11 22.06 -12.11 36.45
N ALA C 12 21.98 -13.42 36.65
CA ALA C 12 20.96 -13.94 37.55
C ALA C 12 21.34 -15.30 38.13
N ASN C 13 22.61 -15.63 38.04
CA ASN C 13 23.11 -16.89 38.57
C ASN C 13 22.21 -18.08 38.21
N VAL C 14 21.61 -18.02 37.02
CA VAL C 14 20.73 -19.09 36.55
C VAL C 14 21.28 -19.64 35.23
N SER C 15 20.66 -20.69 34.72
CA SER C 15 21.11 -21.31 33.48
C SER C 15 20.30 -20.86 32.27
N MET C 16 20.95 -20.77 31.11
CA MET C 16 20.28 -20.37 29.89
C MET C 16 18.91 -21.02 29.87
N ALA C 17 18.85 -22.30 30.24
CA ALA C 17 17.60 -23.04 30.23
C ALA C 17 16.48 -22.37 30.99
N THR C 18 16.73 -21.92 32.21
CA THR C 18 15.66 -21.26 32.93
C THR C 18 15.31 -19.89 32.32
N VAL C 19 16.29 -19.15 31.80
CA VAL C 19 16.02 -17.85 31.17
C VAL C 19 15.02 -18.10 30.05
N SER C 20 15.28 -19.11 29.24
CA SER C 20 14.39 -19.46 28.14
C SER C 20 13.00 -19.73 28.70
N ARG C 21 12.92 -20.53 29.75
CA ARG C 21 11.62 -20.82 30.35
C ARG C 21 10.96 -19.54 30.88
N VAL C 22 11.75 -18.63 31.46
CA VAL C 22 11.19 -17.39 31.99
C VAL C 22 10.67 -16.46 30.91
N VAL C 23 11.37 -16.43 29.77
CA VAL C 23 11.00 -15.61 28.62
C VAL C 23 9.74 -16.10 27.92
N ASN C 24 9.44 -17.38 28.05
CA ASN C 24 8.24 -17.93 27.44
C ASN C 24 7.24 -18.27 28.52
N GLY C 25 7.40 -17.61 29.67
CA GLY C 25 6.49 -17.83 30.78
C GLY C 25 6.17 -19.27 31.11
N ASN C 26 7.19 -20.11 31.11
CA ASN C 26 7.01 -21.51 31.43
C ASN C 26 6.50 -21.60 32.87
N PRO C 27 5.47 -22.43 33.11
CA PRO C 27 4.92 -22.57 34.46
C PRO C 27 5.97 -22.92 35.52
N ASN C 28 6.56 -24.11 35.42
CA ASN C 28 7.54 -24.55 36.40
C ASN C 28 8.83 -23.74 36.49
N VAL C 29 8.71 -22.66 37.24
CA VAL C 29 9.78 -21.73 37.53
C VAL C 29 9.40 -21.07 38.84
N LYS C 30 10.14 -21.40 39.90
CA LYS C 30 9.90 -20.84 41.24
C LYS C 30 9.76 -19.33 41.10
N PRO C 31 8.64 -18.76 41.59
CA PRO C 31 8.35 -17.32 41.53
C PRO C 31 9.55 -16.45 41.89
N THR C 32 10.35 -16.93 42.83
CA THR C 32 11.53 -16.19 43.26
C THR C 32 12.48 -16.10 42.08
N THR C 33 12.69 -17.23 41.41
CA THR C 33 13.58 -17.29 40.26
C THR C 33 13.03 -16.48 39.08
N ARG C 34 11.76 -16.66 38.76
CA ARG C 34 11.14 -15.92 37.66
C ARG C 34 11.41 -14.42 37.77
N LYS C 35 10.96 -13.82 38.86
CA LYS C 35 11.17 -12.39 39.05
C LYS C 35 12.63 -11.98 39.16
N LYS C 36 13.50 -12.90 39.54
CA LYS C 36 14.91 -12.60 39.67
C LYS C 36 15.54 -12.37 38.30
N VAL C 37 15.26 -13.29 37.37
CA VAL C 37 15.79 -13.22 36.01
C VAL C 37 14.97 -12.20 35.21
N LEU C 38 13.67 -12.11 35.52
CA LEU C 38 12.80 -11.17 34.84
C LEU C 38 13.38 -9.76 34.95
N GLU C 39 13.59 -9.32 36.19
CA GLU C 39 14.16 -7.99 36.41
C GLU C 39 15.56 -7.96 35.84
N ALA C 40 16.23 -9.10 35.86
CA ALA C 40 17.58 -9.20 35.33
C ALA C 40 17.58 -8.82 33.85
N ILE C 41 16.64 -9.41 33.11
CA ILE C 41 16.54 -9.10 31.69
C ILE C 41 16.39 -7.61 31.50
N GLU C 42 15.40 -7.02 32.19
CA GLU C 42 15.15 -5.60 32.08
C GLU C 42 16.38 -4.76 32.38
N ARG C 43 17.18 -5.21 33.34
CA ARG C 43 18.39 -4.48 33.68
C ARG C 43 19.34 -4.51 32.50
N LEU C 44 19.31 -5.60 31.74
CA LEU C 44 20.20 -5.72 30.59
C LEU C 44 19.59 -5.21 29.28
N GLY C 45 18.28 -4.99 29.27
CA GLY C 45 17.64 -4.55 28.05
C GLY C 45 17.76 -5.65 27.00
N TYR C 46 17.42 -6.88 27.41
CA TYR C 46 17.49 -8.05 26.54
C TYR C 46 16.28 -8.16 25.63
N ARG C 47 16.56 -8.22 24.33
CA ARG C 47 15.51 -8.38 23.32
C ARG C 47 15.79 -9.71 22.60
N PRO C 48 14.94 -10.73 22.79
CA PRO C 48 15.14 -12.04 22.15
C PRO C 48 15.27 -12.02 20.62
N ASN C 49 16.33 -12.67 20.16
CA ASN C 49 16.63 -12.79 18.74
C ASN C 49 15.66 -13.75 18.04
N ALA C 50 14.70 -13.19 17.32
CA ALA C 50 13.69 -14.00 16.64
C ALA C 50 14.22 -14.93 15.55
N VAL C 51 15.40 -14.64 14.99
CA VAL C 51 15.93 -15.50 13.95
C VAL C 51 16.44 -16.78 14.56
N ALA C 52 17.18 -16.62 15.66
CA ALA C 52 17.71 -17.76 16.37
C ALA C 52 16.53 -18.60 16.86
N ARG C 53 15.52 -17.94 17.41
CA ARG C 53 14.35 -18.66 17.89
C ARG C 53 13.73 -19.36 16.70
N GLY C 54 13.65 -18.67 15.58
CA GLY C 54 13.05 -19.22 14.39
C GLY C 54 13.72 -20.49 13.87
N LEU C 55 15.02 -20.64 14.14
CA LEU C 55 15.76 -21.80 13.69
C LEU C 55 15.34 -23.01 14.51
N ALA C 56 15.29 -22.82 15.82
CA ALA C 56 14.95 -23.87 16.76
C ALA C 56 13.49 -24.24 16.77
N SER C 57 12.62 -23.24 16.87
CA SER C 57 11.19 -23.48 16.93
C SER C 57 10.53 -23.86 15.59
N LYS C 58 11.26 -23.66 14.48
CA LYS C 58 10.78 -23.93 13.11
C LYS C 58 9.49 -23.16 12.87
N LYS C 59 9.43 -21.94 13.40
CA LYS C 59 8.25 -21.09 13.33
C LYS C 59 8.71 -19.64 13.47
N THR C 60 8.39 -18.80 12.49
CA THR C 60 8.81 -17.40 12.51
C THR C 60 7.71 -16.35 12.73
N THR C 61 6.50 -16.79 13.05
CA THR C 61 5.39 -15.87 13.28
C THR C 61 5.41 -14.72 12.28
N THR C 62 5.55 -15.07 11.01
CA THR C 62 5.59 -14.08 9.93
C THR C 62 5.02 -14.70 8.68
N VAL C 63 4.03 -14.06 8.07
CA VAL C 63 3.48 -14.63 6.85
C VAL C 63 3.90 -13.73 5.72
N GLY C 64 4.08 -14.33 4.55
CA GLY C 64 4.50 -13.57 3.39
C GLY C 64 3.31 -13.20 2.52
N VAL C 65 3.26 -11.94 2.10
CA VAL C 65 2.17 -11.44 1.26
C VAL C 65 2.66 -11.09 -0.14
N ILE C 66 2.03 -11.66 -1.14
CA ILE C 66 2.42 -11.35 -2.51
C ILE C 66 1.28 -10.59 -3.13
N ILE C 67 1.55 -9.36 -3.53
CA ILE C 67 0.53 -8.49 -4.10
C ILE C 67 1.02 -7.85 -5.40
N PRO C 68 0.13 -7.64 -6.37
CA PRO C 68 0.58 -7.04 -7.62
C PRO C 68 1.11 -5.62 -7.55
N ASP C 69 0.33 -4.69 -7.03
CA ASP C 69 0.80 -3.32 -6.95
C ASP C 69 0.21 -2.56 -5.77
N ILE C 70 0.96 -2.51 -4.68
CA ILE C 70 0.50 -1.87 -3.47
C ILE C 70 0.18 -0.39 -3.60
N SER C 71 0.64 0.28 -4.64
CA SER C 71 0.33 1.70 -4.74
C SER C 71 -1.09 1.86 -5.22
N SER C 72 -1.71 0.75 -5.57
CA SER C 72 -3.09 0.74 -6.04
C SER C 72 -4.10 1.03 -4.93
N ILE C 73 -5.10 1.83 -5.25
CA ILE C 73 -6.13 2.20 -4.26
C ILE C 73 -6.89 0.97 -3.79
N PHE C 74 -6.95 -0.04 -4.63
CA PHE C 74 -7.66 -1.27 -4.31
C PHE C 74 -6.79 -2.18 -3.45
N TYR C 75 -5.67 -2.64 -4.02
CA TYR C 75 -4.80 -3.52 -3.29
C TYR C 75 -4.36 -2.98 -1.94
N SER C 76 -3.99 -1.70 -1.87
CA SER C 76 -3.55 -1.16 -0.58
C SER C 76 -4.65 -1.28 0.47
N GLU C 77 -5.89 -1.27 0.04
CA GLU C 77 -7.03 -1.40 0.93
C GLU C 77 -7.04 -2.82 1.46
N LEU C 78 -6.81 -3.77 0.56
CA LEU C 78 -6.75 -5.17 0.91
C LEU C 78 -5.57 -5.39 1.85
N ALA C 79 -4.46 -4.69 1.59
CA ALA C 79 -3.27 -4.83 2.41
C ALA C 79 -3.54 -4.40 3.83
N ARG C 80 -4.46 -3.47 4.01
CA ARG C 80 -4.76 -3.00 5.35
C ARG C 80 -5.48 -4.11 6.13
N GLY C 81 -6.43 -4.77 5.49
CA GLY C 81 -7.13 -5.84 6.17
C GLY C 81 -6.16 -6.92 6.58
N ILE C 82 -5.47 -7.48 5.60
CA ILE C 82 -4.49 -8.54 5.82
C ILE C 82 -3.60 -8.18 7.02
N GLU C 83 -3.07 -6.96 6.99
CA GLU C 83 -2.19 -6.43 8.02
C GLU C 83 -2.87 -6.29 9.41
N ASP C 84 -4.12 -5.82 9.44
CA ASP C 84 -4.79 -5.66 10.73
C ASP C 84 -5.05 -6.98 11.42
N ILE C 85 -5.66 -7.93 10.70
CA ILE C 85 -5.94 -9.24 11.28
C ILE C 85 -4.64 -9.99 11.59
N ALA C 86 -3.58 -9.65 10.87
CA ALA C 86 -2.29 -10.26 11.09
C ALA C 86 -1.80 -9.85 12.48
N THR C 87 -1.73 -8.55 12.71
CA THR C 87 -1.29 -8.02 14.00
C THR C 87 -2.17 -8.53 15.14
N MET C 88 -3.45 -8.72 14.85
CA MET C 88 -4.39 -9.21 15.84
C MET C 88 -3.81 -10.51 16.34
N TYR C 89 -3.52 -11.41 15.40
CA TYR C 89 -2.98 -12.69 15.76
C TYR C 89 -1.47 -12.73 15.97
N LYS C 90 -0.88 -11.59 16.26
CA LYS C 90 0.55 -11.50 16.49
C LYS C 90 1.36 -12.08 15.33
N TYR C 91 1.09 -11.62 14.11
CA TYR C 91 1.82 -12.12 12.96
C TYR C 91 2.42 -10.95 12.21
N ASN C 92 3.69 -11.08 11.85
CA ASN C 92 4.35 -10.03 11.08
C ASN C 92 4.19 -10.32 9.61
N ILE C 93 4.49 -9.32 8.79
CA ILE C 93 4.31 -9.47 7.36
C ILE C 93 5.44 -9.01 6.45
N ILE C 94 5.67 -9.79 5.40
CA ILE C 94 6.68 -9.46 4.39
C ILE C 94 5.87 -9.21 3.12
N LEU C 95 5.83 -7.95 2.70
CA LEU C 95 5.09 -7.51 1.54
C LEU C 95 6.01 -7.33 0.35
N SER C 96 5.60 -7.84 -0.81
CA SER C 96 6.41 -7.73 -2.03
C SER C 96 5.53 -7.52 -3.25
N ASN C 97 5.98 -6.66 -4.16
CA ASN C 97 5.21 -6.39 -5.38
C ASN C 97 5.56 -7.36 -6.50
N SER C 98 4.55 -7.76 -7.28
CA SER C 98 4.77 -8.72 -8.36
C SER C 98 4.49 -8.11 -9.72
N ASP C 99 3.62 -7.12 -9.72
CA ASP C 99 3.24 -6.45 -10.96
C ASP C 99 2.64 -7.42 -11.95
N GLN C 100 2.00 -8.46 -11.45
CA GLN C 100 1.37 -9.40 -12.36
C GLN C 100 2.41 -10.03 -13.30
N ASN C 101 3.61 -10.28 -12.82
CA ASN C 101 4.63 -10.90 -13.67
C ASN C 101 4.88 -12.31 -13.18
N MET C 102 4.40 -13.31 -13.91
CA MET C 102 4.57 -14.69 -13.50
C MET C 102 5.95 -14.98 -12.93
N GLU C 103 6.99 -14.66 -13.70
CA GLU C 103 8.34 -14.92 -13.22
C GLU C 103 8.47 -14.41 -11.78
N LYS C 104 8.21 -13.13 -11.58
CA LYS C 104 8.32 -12.50 -10.26
C LYS C 104 7.45 -13.19 -9.20
N GLU C 105 6.22 -13.51 -9.57
CA GLU C 105 5.33 -14.16 -8.62
C GLU C 105 5.93 -15.45 -8.09
N LEU C 106 6.21 -16.40 -8.97
CA LEU C 106 6.80 -17.66 -8.52
C LEU C 106 8.15 -17.46 -7.82
N HIS C 107 8.87 -16.40 -8.17
CA HIS C 107 10.16 -16.12 -7.54
C HIS C 107 9.91 -15.60 -6.12
N LEU C 108 8.99 -14.67 -5.99
CA LEU C 108 8.67 -14.15 -4.66
C LEU C 108 8.30 -15.35 -3.79
N LEU C 109 7.46 -16.25 -4.33
CA LEU C 109 7.04 -17.42 -3.59
C LEU C 109 8.23 -18.24 -3.10
N ASN C 110 9.25 -18.36 -3.92
CA ASN C 110 10.40 -19.13 -3.51
C ASN C 110 11.12 -18.41 -2.42
N THR C 111 11.25 -17.11 -2.61
CA THR C 111 11.94 -16.28 -1.65
C THR C 111 11.30 -16.34 -0.28
N MET C 112 9.98 -16.10 -0.22
CA MET C 112 9.29 -16.11 1.08
C MET C 112 9.39 -17.48 1.71
N LEU C 113 9.05 -18.52 0.95
CA LEU C 113 9.17 -19.85 1.50
C LEU C 113 10.60 -20.06 2.00
N GLY C 114 11.55 -19.37 1.39
CA GLY C 114 12.93 -19.51 1.80
C GLY C 114 13.20 -18.90 3.17
N LYS C 115 12.55 -17.78 3.48
CA LYS C 115 12.75 -17.11 4.76
C LYS C 115 11.87 -17.72 5.82
N GLN C 116 11.27 -18.86 5.49
CA GLN C 116 10.46 -19.61 6.44
C GLN C 116 9.17 -18.93 6.91
N VAL C 117 8.38 -18.42 5.98
CA VAL C 117 7.15 -17.81 6.42
C VAL C 117 6.25 -18.94 6.89
N ASP C 118 5.38 -18.62 7.84
CA ASP C 118 4.45 -19.60 8.38
C ASP C 118 3.20 -19.68 7.53
N GLY C 119 3.11 -18.82 6.52
CA GLY C 119 1.96 -18.81 5.64
C GLY C 119 2.13 -17.75 4.56
N ILE C 120 1.23 -17.77 3.58
CA ILE C 120 1.25 -16.83 2.47
C ILE C 120 -0.18 -16.45 2.07
N VAL C 121 -0.39 -15.19 1.66
CA VAL C 121 -1.68 -14.71 1.16
C VAL C 121 -1.30 -14.28 -0.27
N PHE C 122 -1.91 -14.89 -1.29
CA PHE C 122 -1.55 -14.57 -2.68
C PHE C 122 -2.65 -13.89 -3.47
N MET C 123 -2.24 -12.87 -4.22
CA MET C 123 -3.15 -12.07 -5.03
C MET C 123 -2.58 -11.86 -6.41
N GLY C 124 -3.35 -12.29 -7.41
CA GLY C 124 -2.89 -12.14 -8.77
C GLY C 124 -4.01 -12.19 -9.77
N GLY C 125 -3.75 -11.59 -10.93
CA GLY C 125 -4.74 -11.56 -11.99
C GLY C 125 -4.77 -12.82 -12.82
N ASN C 126 -3.69 -13.59 -12.84
CA ASN C 126 -3.66 -14.79 -13.67
C ASN C 126 -2.99 -16.01 -13.01
N ILE C 127 -3.82 -16.87 -12.39
CA ILE C 127 -3.32 -18.06 -11.73
C ILE C 127 -3.34 -19.24 -12.68
N THR C 128 -2.16 -19.64 -13.14
CA THR C 128 -2.05 -20.75 -14.08
C THR C 128 -1.78 -22.06 -13.35
N ASP C 129 -1.85 -23.16 -14.10
CA ASP C 129 -1.60 -24.47 -13.53
C ASP C 129 -0.18 -24.54 -13.01
N GLU C 130 0.70 -23.74 -13.60
CA GLU C 130 2.08 -23.75 -13.17
C GLU C 130 2.13 -23.18 -11.76
N HIS C 131 1.19 -22.29 -11.44
CA HIS C 131 1.13 -21.71 -10.11
C HIS C 131 0.70 -22.80 -9.13
N VAL C 132 -0.46 -23.39 -9.40
CA VAL C 132 -1.02 -24.45 -8.57
C VAL C 132 0.02 -25.50 -8.25
N ALA C 133 0.90 -25.75 -9.20
CA ALA C 133 1.94 -26.74 -9.01
C ALA C 133 2.82 -26.26 -7.87
N GLU C 134 3.32 -25.04 -7.98
CA GLU C 134 4.18 -24.50 -6.94
C GLU C 134 3.43 -24.32 -5.63
N PHE C 135 2.15 -23.97 -5.70
CA PHE C 135 1.34 -23.80 -4.50
C PHE C 135 1.29 -25.14 -3.77
N LYS C 136 0.84 -26.18 -4.47
CA LYS C 136 0.75 -27.49 -3.87
C LYS C 136 2.07 -27.98 -3.26
N ARG C 137 3.17 -27.37 -3.70
CA ARG C 137 4.51 -27.71 -3.20
C ARG C 137 4.91 -26.86 -2.00
N SER C 138 3.98 -26.10 -1.43
CA SER C 138 4.30 -25.27 -0.29
C SER C 138 4.12 -25.96 1.05
N PRO C 139 5.17 -25.97 1.86
CA PRO C 139 5.13 -26.61 3.18
C PRO C 139 4.15 -25.92 4.12
N VAL C 140 3.85 -24.65 3.86
CA VAL C 140 2.94 -23.88 4.70
C VAL C 140 1.66 -23.55 3.94
N PRO C 141 0.56 -23.27 4.66
CA PRO C 141 -0.70 -22.95 4.00
C PRO C 141 -0.59 -21.77 3.05
N ILE C 142 -1.48 -21.71 2.08
CA ILE C 142 -1.51 -20.60 1.16
C ILE C 142 -2.98 -20.25 0.92
N VAL C 143 -3.31 -18.98 1.10
CA VAL C 143 -4.68 -18.53 0.89
C VAL C 143 -4.71 -17.44 -0.19
N LEU C 144 -5.66 -17.53 -1.12
CA LEU C 144 -5.78 -16.52 -2.16
C LEU C 144 -6.71 -15.41 -1.69
N ALA C 145 -6.57 -14.25 -2.29
CA ALA C 145 -7.40 -13.11 -1.91
C ALA C 145 -7.82 -12.33 -3.15
N ALA C 146 -9.11 -12.06 -3.25
CA ALA C 146 -9.66 -11.30 -4.36
C ALA C 146 -9.16 -11.77 -5.70
N SER C 147 -8.73 -13.02 -5.81
CA SER C 147 -8.23 -13.53 -7.07
C SER C 147 -9.12 -14.64 -7.62
N VAL C 148 -8.94 -14.98 -8.90
CA VAL C 148 -9.73 -16.04 -9.51
C VAL C 148 -8.85 -17.23 -9.86
N GLU C 149 -9.27 -18.41 -9.44
CA GLU C 149 -8.50 -19.60 -9.74
C GLU C 149 -9.45 -20.59 -10.41
N GLU C 150 -9.26 -20.81 -11.70
CA GLU C 150 -10.10 -21.74 -12.44
C GLU C 150 -10.02 -23.14 -11.84
N GLN C 151 -8.81 -23.55 -11.46
CA GLN C 151 -8.60 -24.86 -10.89
C GLN C 151 -9.39 -25.13 -9.60
N GLU C 152 -9.69 -24.09 -8.84
CA GLU C 152 -10.45 -24.27 -7.59
C GLU C 152 -9.79 -25.30 -6.69
N GLU C 153 -8.49 -25.11 -6.43
CA GLU C 153 -7.72 -26.05 -5.61
C GLU C 153 -7.18 -25.34 -4.38
N THR C 154 -6.82 -24.08 -4.54
CA THR C 154 -6.27 -23.32 -3.44
C THR C 154 -7.34 -22.63 -2.62
N PRO C 155 -7.20 -22.63 -1.30
CA PRO C 155 -8.25 -21.95 -0.54
C PRO C 155 -8.19 -20.46 -0.83
N SER C 156 -9.34 -19.89 -1.20
CA SER C 156 -9.38 -18.45 -1.49
C SER C 156 -10.62 -17.82 -0.86
N VAL C 157 -10.58 -16.50 -0.74
CA VAL C 157 -11.65 -15.70 -0.17
C VAL C 157 -11.94 -14.60 -1.17
N ALA C 158 -13.19 -14.44 -1.58
CA ALA C 158 -13.54 -13.39 -2.54
C ALA C 158 -15.05 -13.28 -2.71
N ILE C 159 -15.49 -12.84 -3.88
CA ILE C 159 -16.92 -12.70 -4.12
C ILE C 159 -17.22 -13.18 -5.54
N ASP C 160 -18.47 -13.54 -5.80
CA ASP C 160 -18.84 -13.99 -7.12
C ASP C 160 -18.85 -12.83 -8.11
N TYR C 161 -17.76 -12.68 -8.86
CA TYR C 161 -17.67 -11.59 -9.82
C TYR C 161 -18.70 -11.75 -10.93
N GLU C 162 -18.82 -12.98 -11.43
CA GLU C 162 -19.76 -13.25 -12.51
C GLU C 162 -21.16 -12.86 -12.08
N GLN C 163 -21.52 -13.21 -10.85
CA GLN C 163 -22.84 -12.88 -10.31
C GLN C 163 -22.95 -11.37 -10.19
N ALA C 164 -21.88 -10.72 -9.74
CA ALA C 164 -21.87 -9.29 -9.55
C ALA C 164 -22.16 -8.54 -10.85
N ILE C 165 -21.38 -8.82 -11.89
CA ILE C 165 -21.61 -8.13 -13.15
C ILE C 165 -23.03 -8.38 -13.61
N TYR C 166 -23.53 -9.58 -13.33
CA TYR C 166 -24.89 -9.95 -13.73
C TYR C 166 -25.90 -9.04 -13.04
N ASP C 167 -25.85 -9.01 -11.71
CA ASP C 167 -26.75 -8.17 -10.93
C ASP C 167 -26.74 -6.75 -11.50
N ALA C 168 -25.55 -6.23 -11.77
CA ALA C 168 -25.42 -4.89 -12.32
C ALA C 168 -26.11 -4.79 -13.69
N VAL C 169 -25.69 -5.63 -14.64
CA VAL C 169 -26.27 -5.59 -15.97
C VAL C 169 -27.79 -5.67 -15.95
N LYS C 170 -28.34 -6.58 -15.15
CA LYS C 170 -29.78 -6.73 -15.09
C LYS C 170 -30.42 -5.47 -14.58
N LEU C 171 -29.86 -4.94 -13.50
CA LEU C 171 -30.39 -3.74 -12.90
C LEU C 171 -30.57 -2.66 -13.97
N LEU C 172 -29.65 -2.59 -14.92
CA LEU C 172 -29.76 -1.60 -15.99
C LEU C 172 -30.91 -1.94 -16.93
N VAL C 173 -31.17 -3.22 -17.15
CA VAL C 173 -32.27 -3.62 -18.03
C VAL C 173 -33.58 -3.28 -17.32
N ASP C 174 -33.71 -3.62 -16.04
CA ASP C 174 -34.92 -3.30 -15.29
C ASP C 174 -35.25 -1.82 -15.37
N LYS C 175 -34.28 -0.98 -15.70
CA LYS C 175 -34.56 0.44 -15.79
C LYS C 175 -34.84 0.82 -17.25
N GLY C 176 -34.76 -0.16 -18.14
CA GLY C 176 -35.05 0.09 -19.54
C GLY C 176 -33.94 -0.18 -20.54
N HIS C 177 -32.73 0.24 -20.19
CA HIS C 177 -31.59 0.07 -21.07
C HIS C 177 -31.66 -1.19 -21.96
N THR C 178 -31.30 -1.02 -23.22
CA THR C 178 -31.31 -2.12 -24.19
C THR C 178 -29.91 -2.33 -24.72
N ASP C 179 -29.21 -1.23 -24.96
CA ASP C 179 -27.85 -1.27 -25.47
C ASP C 179 -26.85 -0.91 -24.37
N ILE C 180 -26.55 -1.90 -23.54
CA ILE C 180 -25.62 -1.74 -22.42
C ILE C 180 -24.20 -2.20 -22.78
N ALA C 181 -23.24 -1.29 -22.71
CA ALA C 181 -21.87 -1.62 -23.04
C ALA C 181 -21.09 -2.05 -21.80
N PHE C 182 -19.98 -2.73 -22.03
CA PHE C 182 -19.14 -3.21 -20.95
C PHE C 182 -17.69 -2.80 -21.23
N VAL C 183 -17.05 -2.21 -20.23
CA VAL C 183 -15.65 -1.82 -20.37
C VAL C 183 -14.95 -2.73 -19.38
N SER C 184 -14.11 -3.63 -19.89
CA SER C 184 -13.44 -4.57 -19.00
C SER C 184 -11.97 -4.26 -18.74
N GLY C 185 -11.33 -5.18 -18.00
CA GLY C 185 -9.92 -5.05 -17.71
C GLY C 185 -9.19 -5.95 -18.68
N PRO C 186 -7.84 -5.96 -18.71
CA PRO C 186 -7.14 -6.84 -19.66
C PRO C 186 -7.77 -8.22 -19.74
N MET C 187 -8.26 -8.56 -20.93
CA MET C 187 -8.91 -9.85 -21.14
C MET C 187 -7.99 -11.02 -20.85
N ALA C 188 -6.69 -10.75 -20.85
CA ALA C 188 -5.71 -11.79 -20.58
C ALA C 188 -6.01 -12.44 -19.23
N GLU C 189 -6.53 -11.64 -18.30
CA GLU C 189 -6.84 -12.13 -16.96
C GLU C 189 -8.20 -12.78 -16.90
N PRO C 190 -8.29 -13.97 -16.27
CA PRO C 190 -9.52 -14.76 -16.11
C PRO C 190 -10.67 -14.00 -15.47
N ILE C 191 -10.36 -13.19 -14.46
CA ILE C 191 -11.40 -12.46 -13.77
C ILE C 191 -12.24 -11.58 -14.71
N ASN C 192 -11.63 -11.11 -15.81
CA ASN C 192 -12.34 -10.29 -16.78
C ASN C 192 -13.00 -11.18 -17.83
N ARG C 193 -12.19 -12.01 -18.48
CA ARG C 193 -12.68 -12.91 -19.53
C ARG C 193 -13.68 -13.95 -19.05
N SER C 194 -13.25 -14.81 -18.13
CA SER C 194 -14.10 -15.89 -17.66
C SER C 194 -15.14 -15.58 -16.59
N LYS C 195 -15.00 -14.47 -15.86
CA LYS C 195 -15.97 -14.18 -14.81
C LYS C 195 -16.82 -12.95 -15.02
N LYS C 196 -16.20 -11.81 -15.26
CA LYS C 196 -16.98 -10.59 -15.47
C LYS C 196 -17.64 -10.57 -16.83
N LEU C 197 -16.89 -10.83 -17.90
CA LEU C 197 -17.46 -10.81 -19.24
C LEU C 197 -18.59 -11.81 -19.36
N GLN C 198 -18.49 -12.91 -18.64
CA GLN C 198 -19.54 -13.92 -18.69
C GLN C 198 -20.80 -13.39 -18.01
N GLY C 199 -20.69 -13.03 -16.73
CA GLY C 199 -21.84 -12.49 -16.02
C GLY C 199 -22.51 -11.38 -16.80
N TYR C 200 -21.80 -10.80 -17.76
CA TYR C 200 -22.35 -9.72 -18.58
C TYR C 200 -23.15 -10.31 -19.71
N LYS C 201 -22.55 -11.25 -20.43
CA LYS C 201 -23.25 -11.87 -21.55
C LYS C 201 -24.45 -12.66 -21.05
N ARG C 202 -24.31 -13.29 -19.89
CA ARG C 202 -25.40 -14.07 -19.33
C ARG C 202 -26.63 -13.21 -19.11
N ALA C 203 -26.46 -12.10 -18.40
CA ALA C 203 -27.57 -11.20 -18.14
C ALA C 203 -28.26 -10.77 -19.43
N LEU C 204 -27.52 -10.74 -20.52
CA LEU C 204 -28.08 -10.35 -21.80
C LEU C 204 -28.91 -11.46 -22.47
N GLU C 205 -28.27 -12.58 -22.78
CA GLU C 205 -28.98 -13.70 -23.42
C GLU C 205 -30.14 -14.18 -22.55
N GLU C 206 -30.04 -13.93 -21.25
CA GLU C 206 -31.06 -14.31 -20.29
C GLU C 206 -32.11 -13.21 -20.23
N ALA C 207 -31.85 -12.14 -20.98
CA ALA C 207 -32.78 -11.02 -21.07
C ALA C 207 -33.11 -10.83 -22.55
N ASN C 208 -32.96 -11.91 -23.31
CA ASN C 208 -33.25 -11.94 -24.74
C ASN C 208 -32.55 -10.86 -25.55
N LEU C 209 -31.77 -10.02 -24.88
CA LEU C 209 -31.05 -8.97 -25.58
C LEU C 209 -29.90 -9.54 -26.39
N PRO C 210 -29.68 -9.00 -27.59
CA PRO C 210 -28.61 -9.45 -28.49
C PRO C 210 -27.22 -8.96 -28.10
N PHE C 211 -26.28 -9.88 -28.01
CA PHE C 211 -24.89 -9.54 -27.66
C PHE C 211 -24.24 -8.75 -28.79
N ASN C 212 -23.77 -7.54 -28.47
CA ASN C 212 -23.15 -6.69 -29.46
C ASN C 212 -21.65 -6.69 -29.24
N GLU C 213 -20.93 -7.47 -30.04
CA GLU C 213 -19.48 -7.57 -29.90
C GLU C 213 -18.69 -6.28 -30.10
N GLN C 214 -19.38 -5.14 -30.05
CA GLN C 214 -18.74 -3.84 -30.21
C GLN C 214 -18.97 -3.00 -28.96
N PHE C 215 -19.86 -3.50 -28.09
CA PHE C 215 -20.15 -2.80 -26.85
C PHE C 215 -19.20 -3.29 -25.76
N VAL C 216 -18.20 -4.06 -26.18
CA VAL C 216 -17.21 -4.60 -25.25
C VAL C 216 -15.86 -3.94 -25.53
N ALA C 217 -15.48 -3.02 -24.64
CA ALA C 217 -14.21 -2.30 -24.73
C ALA C 217 -13.25 -2.93 -23.74
N GLU C 218 -12.00 -3.09 -24.13
CA GLU C 218 -10.99 -3.69 -23.28
C GLU C 218 -10.00 -2.68 -22.71
N GLY C 219 -10.41 -2.02 -21.63
CA GLY C 219 -9.54 -1.05 -20.99
C GLY C 219 -8.46 -1.80 -20.24
N ASP C 220 -7.55 -1.06 -19.60
CA ASP C 220 -6.46 -1.67 -18.86
C ASP C 220 -6.44 -1.26 -17.38
N TYR C 221 -7.62 -1.06 -16.79
CA TYR C 221 -7.74 -0.67 -15.39
C TYR C 221 -7.27 0.75 -15.14
N THR C 222 -6.77 1.40 -16.18
CA THR C 222 -6.26 2.77 -16.06
C THR C 222 -7.38 3.76 -16.18
N TYR C 223 -7.13 4.97 -15.68
CA TYR C 223 -8.12 6.02 -15.80
C TYR C 223 -8.17 6.46 -17.24
N ASP C 224 -7.04 6.41 -17.92
CA ASP C 224 -6.98 6.82 -19.31
C ASP C 224 -7.66 5.82 -20.24
N SER C 225 -7.52 4.53 -19.94
CA SER C 225 -8.15 3.53 -20.78
C SER C 225 -9.65 3.72 -20.74
N GLY C 226 -10.18 4.00 -19.55
CA GLY C 226 -11.61 4.21 -19.40
C GLY C 226 -12.04 5.50 -20.03
N LEU C 227 -11.09 6.41 -20.17
CA LEU C 227 -11.31 7.71 -20.77
C LEU C 227 -11.36 7.56 -22.28
N GLU C 228 -10.49 6.69 -22.79
CA GLU C 228 -10.37 6.39 -24.21
C GLU C 228 -11.42 5.37 -24.63
N ALA C 229 -12.03 4.72 -23.64
CA ALA C 229 -13.05 3.73 -23.92
C ALA C 229 -14.36 4.42 -24.31
N LEU C 230 -14.78 5.42 -23.53
CA LEU C 230 -16.02 6.12 -23.84
C LEU C 230 -15.96 6.86 -25.16
N GLN C 231 -14.76 7.34 -25.49
CA GLN C 231 -14.58 8.06 -26.73
C GLN C 231 -14.83 7.11 -27.90
N HIS C 232 -14.59 5.82 -27.66
CA HIS C 232 -14.80 4.80 -28.67
C HIS C 232 -16.26 4.36 -28.77
N LEU C 233 -16.86 4.00 -27.63
CA LEU C 233 -18.25 3.56 -27.61
C LEU C 233 -19.21 4.65 -28.08
N MET C 234 -18.71 5.86 -28.26
CA MET C 234 -19.55 6.95 -28.72
C MET C 234 -19.20 7.32 -30.15
N SER C 235 -18.82 6.31 -30.93
CA SER C 235 -18.46 6.54 -32.33
C SER C 235 -19.27 5.65 -33.24
N LEU C 236 -19.34 4.37 -32.90
CA LEU C 236 -20.09 3.43 -33.72
C LEU C 236 -21.43 4.03 -34.10
N ASP C 237 -22.00 3.52 -35.19
CA ASP C 237 -23.29 4.00 -35.65
C ASP C 237 -24.26 3.82 -34.48
N LYS C 238 -24.22 2.64 -33.86
CA LYS C 238 -25.07 2.33 -32.71
C LYS C 238 -24.26 2.52 -31.41
N LYS C 239 -24.66 3.50 -30.61
CA LYS C 239 -23.98 3.77 -29.34
C LYS C 239 -24.85 3.43 -28.15
N PRO C 240 -24.24 2.93 -27.06
CA PRO C 240 -24.87 2.52 -25.81
C PRO C 240 -25.59 3.62 -25.05
N THR C 241 -26.46 3.21 -24.15
CA THR C 241 -27.22 4.15 -23.34
C THR C 241 -26.78 4.01 -21.88
N ALA C 242 -26.07 2.92 -21.59
CA ALA C 242 -25.55 2.66 -20.23
C ALA C 242 -24.21 1.94 -20.36
N ILE C 243 -23.28 2.25 -19.46
CA ILE C 243 -21.97 1.63 -19.48
C ILE C 243 -21.60 1.11 -18.10
N LEU C 244 -21.05 -0.09 -18.07
CA LEU C 244 -20.65 -0.72 -16.82
C LEU C 244 -19.14 -0.97 -16.86
N SER C 245 -18.39 -0.30 -16.00
CA SER C 245 -16.94 -0.53 -16.00
C SER C 245 -16.59 -1.60 -14.99
N ALA C 246 -15.49 -2.29 -15.24
CA ALA C 246 -15.06 -3.33 -14.32
C ALA C 246 -14.37 -2.79 -13.07
N THR C 247 -14.02 -1.50 -13.05
CA THR C 247 -13.37 -0.86 -11.89
C THR C 247 -13.71 0.64 -11.84
N ASP C 248 -13.91 1.19 -10.65
CA ASP C 248 -14.23 2.61 -10.49
C ASP C 248 -13.27 3.54 -11.22
N GLU C 249 -11.97 3.27 -11.11
CA GLU C 249 -11.01 4.14 -11.76
C GLU C 249 -11.34 4.29 -13.24
N MET C 250 -11.63 3.19 -13.93
CA MET C 250 -11.97 3.34 -15.34
C MET C 250 -13.24 4.17 -15.41
N ALA C 251 -14.17 3.92 -14.48
CA ALA C 251 -15.43 4.64 -14.43
C ALA C 251 -15.24 6.17 -14.55
N LEU C 252 -14.38 6.76 -13.72
CA LEU C 252 -14.17 8.21 -13.81
C LEU C 252 -13.75 8.65 -15.20
N GLY C 253 -12.87 7.86 -15.83
CA GLY C 253 -12.42 8.18 -17.17
C GLY C 253 -13.62 8.28 -18.09
N ILE C 254 -14.55 7.36 -17.90
CA ILE C 254 -15.77 7.32 -18.67
C ILE C 254 -16.59 8.58 -18.35
N ILE C 255 -16.89 8.81 -17.06
CA ILE C 255 -17.66 10.00 -16.68
C ILE C 255 -17.06 11.24 -17.34
N HIS C 256 -15.80 11.52 -17.03
CA HIS C 256 -15.11 12.69 -17.55
C HIS C 256 -15.01 12.76 -19.07
N ALA C 257 -14.53 11.70 -19.71
CA ALA C 257 -14.41 11.68 -21.17
C ALA C 257 -15.71 12.15 -21.78
N ALA C 258 -16.82 11.77 -21.14
CA ALA C 258 -18.15 12.13 -21.60
C ALA C 258 -18.43 13.60 -21.29
N GLN C 259 -18.19 14.01 -20.05
CA GLN C 259 -18.43 15.39 -19.67
C GLN C 259 -17.66 16.31 -20.59
N ASP C 260 -16.44 15.91 -20.96
CA ASP C 260 -15.63 16.72 -21.86
C ASP C 260 -16.22 16.73 -23.27
N GLN C 261 -17.07 15.75 -23.58
CA GLN C 261 -17.69 15.71 -24.89
C GLN C 261 -19.04 16.42 -24.91
N GLY C 262 -19.39 17.06 -23.80
CA GLY C 262 -20.66 17.77 -23.75
C GLY C 262 -21.76 17.03 -23.05
N LEU C 263 -21.93 15.74 -23.37
CA LEU C 263 -22.97 14.94 -22.74
C LEU C 263 -22.74 15.06 -21.24
N SER C 264 -23.83 15.05 -20.47
CA SER C 264 -23.75 15.19 -19.03
C SER C 264 -24.36 14.00 -18.31
N ILE C 265 -23.62 13.46 -17.34
CA ILE C 265 -24.08 12.31 -16.56
C ILE C 265 -24.96 12.75 -15.40
N PRO C 266 -26.07 12.03 -15.15
CA PRO C 266 -26.56 10.84 -15.87
C PRO C 266 -27.52 11.14 -17.01
N GLU C 267 -27.86 12.41 -17.17
CA GLU C 267 -28.80 12.84 -18.20
C GLU C 267 -28.75 12.04 -19.49
N ASP C 268 -27.60 12.07 -20.18
CA ASP C 268 -27.47 11.37 -21.43
C ASP C 268 -27.14 9.88 -21.29
N LEU C 269 -26.18 9.57 -20.43
CA LEU C 269 -25.76 8.19 -20.20
C LEU C 269 -25.78 7.80 -18.72
N ASP C 270 -25.85 6.50 -18.48
CA ASP C 270 -25.87 5.94 -17.12
C ASP C 270 -24.60 5.13 -16.89
N ILE C 271 -23.86 5.44 -15.83
CA ILE C 271 -22.61 4.74 -15.56
C ILE C 271 -22.54 4.01 -14.22
N ILE C 272 -22.02 2.78 -14.24
CA ILE C 272 -21.83 1.99 -13.01
C ILE C 272 -20.40 1.44 -12.94
N GLY C 273 -19.73 1.72 -11.83
CA GLY C 273 -18.38 1.26 -11.64
C GLY C 273 -18.37 0.00 -10.80
N PHE C 274 -17.18 -0.55 -10.56
CA PHE C 274 -17.01 -1.79 -9.81
C PHE C 274 -15.87 -1.67 -8.78
N ASP C 275 -16.14 -2.10 -7.54
CA ASP C 275 -15.20 -2.10 -6.39
C ASP C 275 -15.62 -1.22 -5.21
N ASN C 276 -16.25 -0.09 -5.53
CA ASN C 276 -16.70 0.86 -4.51
C ASN C 276 -15.57 1.43 -3.67
N THR C 277 -14.58 2.01 -4.35
CA THR C 277 -13.41 2.62 -3.73
C THR C 277 -13.66 4.10 -3.49
N ARG C 278 -12.94 4.69 -2.55
CA ARG C 278 -13.07 6.11 -2.25
C ARG C 278 -13.10 6.95 -3.53
N LEU C 279 -12.60 6.38 -4.61
CA LEU C 279 -12.62 7.09 -5.88
C LEU C 279 -14.07 7.29 -6.29
N SER C 280 -14.94 6.36 -5.90
CA SER C 280 -16.34 6.48 -6.30
C SER C 280 -17.15 7.44 -5.44
N LEU C 281 -16.47 8.11 -4.50
CA LEU C 281 -17.11 9.06 -3.60
C LEU C 281 -16.56 10.45 -3.81
N MET C 282 -15.47 10.49 -4.56
CA MET C 282 -14.77 11.74 -4.88
C MET C 282 -14.94 12.06 -6.36
N VAL C 283 -16.16 11.93 -6.86
CA VAL C 283 -16.42 12.21 -8.28
C VAL C 283 -17.71 12.98 -8.38
N ARG C 284 -17.81 13.80 -9.42
CA ARG C 284 -19.03 14.56 -9.61
C ARG C 284 -19.54 14.26 -11.02
N PRO C 285 -20.73 13.63 -11.12
CA PRO C 285 -21.63 13.21 -10.05
C PRO C 285 -21.11 11.95 -9.36
N GLN C 286 -21.44 11.79 -8.08
CA GLN C 286 -21.01 10.61 -7.33
C GLN C 286 -21.33 9.30 -8.06
N LEU C 287 -20.30 8.49 -8.26
CA LEU C 287 -20.38 7.22 -8.98
C LEU C 287 -21.10 6.05 -8.30
N SER C 288 -21.98 5.39 -9.05
CA SER C 288 -22.71 4.22 -8.56
C SER C 288 -21.74 3.07 -8.81
N THR C 289 -21.61 2.16 -7.86
CA THR C 289 -20.68 1.06 -8.02
C THR C 289 -21.22 -0.23 -7.48
N VAL C 290 -20.65 -1.32 -7.98
CA VAL C 290 -20.97 -2.65 -7.50
C VAL C 290 -20.08 -2.74 -6.26
N VAL C 291 -20.70 -2.80 -5.09
CA VAL C 291 -19.94 -2.85 -3.85
C VAL C 291 -19.11 -4.13 -3.71
N GLN C 292 -17.97 -4.00 -3.04
CA GLN C 292 -17.08 -5.13 -2.79
C GLN C 292 -16.31 -4.83 -1.49
N PRO C 293 -16.49 -5.68 -0.48
CA PRO C 293 -15.83 -5.52 0.83
C PRO C 293 -14.32 -5.73 0.78
N THR C 294 -13.65 -4.90 -0.02
CA THR C 294 -12.21 -5.02 -0.19
C THR C 294 -11.45 -5.34 1.10
N TYR C 295 -11.56 -4.50 2.13
CA TYR C 295 -10.86 -4.78 3.39
C TYR C 295 -11.33 -6.12 3.97
N ASP C 296 -12.63 -6.37 3.98
CA ASP C 296 -13.15 -7.62 4.52
C ASP C 296 -12.52 -8.82 3.83
N ILE C 297 -12.35 -8.72 2.53
CA ILE C 297 -11.75 -9.79 1.76
C ILE C 297 -10.35 -10.05 2.30
N GLY C 298 -9.55 -9.00 2.41
CA GLY C 298 -8.20 -9.15 2.93
C GLY C 298 -8.19 -9.71 4.35
N ALA C 299 -9.09 -9.19 5.19
CA ALA C 299 -9.17 -9.62 6.58
C ALA C 299 -9.73 -11.02 6.78
N VAL C 300 -10.71 -11.41 5.98
CA VAL C 300 -11.25 -12.74 6.15
C VAL C 300 -10.16 -13.71 5.69
N ALA C 301 -9.52 -13.41 4.56
CA ALA C 301 -8.45 -14.29 4.07
C ALA C 301 -7.34 -14.53 5.10
N MET C 302 -6.83 -13.47 5.73
CA MET C 302 -5.75 -13.61 6.73
C MET C 302 -6.27 -14.35 7.96
N ARG C 303 -7.54 -14.16 8.28
CA ARG C 303 -8.12 -14.85 9.40
C ARG C 303 -8.16 -16.33 9.05
N LEU C 304 -8.53 -16.65 7.82
CA LEU C 304 -8.58 -18.05 7.39
C LEU C 304 -7.19 -18.67 7.43
N LEU C 305 -6.19 -17.95 6.94
CA LEU C 305 -4.81 -18.45 6.95
C LEU C 305 -4.42 -18.80 8.37
N THR C 306 -4.73 -17.94 9.33
CA THR C 306 -4.40 -18.20 10.73
C THR C 306 -5.04 -19.52 11.16
N LYS C 307 -6.25 -19.77 10.71
CA LYS C 307 -6.91 -21.00 11.07
C LYS C 307 -6.22 -22.20 10.43
N LEU C 308 -5.65 -22.00 9.24
CA LEU C 308 -4.95 -23.09 8.58
C LEU C 308 -3.54 -23.29 9.17
N MET C 309 -2.92 -22.22 9.63
CA MET C 309 -1.57 -22.33 10.20
C MET C 309 -1.61 -23.02 11.55
N ASN C 310 -2.64 -22.71 12.33
CA ASN C 310 -2.80 -23.31 13.65
C ASN C 310 -3.23 -24.75 13.49
N LYS C 311 -3.31 -25.17 12.23
CA LYS C 311 -3.66 -26.54 11.91
C LYS C 311 -5.04 -26.91 12.41
N GLU C 312 -5.90 -25.92 12.65
CA GLU C 312 -7.25 -26.22 13.10
C GLU C 312 -8.19 -26.47 11.94
N PRO C 313 -9.09 -27.46 12.08
CA PRO C 313 -10.06 -27.84 11.05
C PRO C 313 -10.89 -26.68 10.50
N VAL C 314 -11.04 -26.64 9.18
CA VAL C 314 -11.79 -25.59 8.52
C VAL C 314 -12.71 -26.11 7.42
N GLU C 315 -13.93 -25.57 7.41
CA GLU C 315 -14.96 -25.90 6.43
C GLU C 315 -14.79 -25.09 5.15
N GLU C 316 -15.16 -25.68 4.03
CA GLU C 316 -15.06 -25.02 2.73
C GLU C 316 -13.90 -24.03 2.66
N HIS C 317 -12.79 -24.48 2.06
CA HIS C 317 -11.59 -23.67 1.92
C HIS C 317 -11.77 -22.51 0.96
N ILE C 318 -12.85 -22.59 0.19
CA ILE C 318 -13.19 -21.56 -0.77
C ILE C 318 -14.39 -20.80 -0.20
N VAL C 319 -14.14 -19.59 0.28
CA VAL C 319 -15.17 -18.74 0.86
C VAL C 319 -15.63 -17.67 -0.12
N GLU C 320 -16.87 -17.22 0.06
CA GLU C 320 -17.44 -16.18 -0.78
C GLU C 320 -18.16 -15.18 0.09
N LEU C 321 -17.69 -13.95 0.11
CA LEU C 321 -18.33 -12.92 0.90
C LEU C 321 -19.41 -12.29 0.03
N PRO C 322 -20.51 -11.83 0.67
CA PRO C 322 -21.63 -11.20 -0.01
C PRO C 322 -21.29 -9.88 -0.68
N HIS C 323 -22.01 -9.56 -1.77
CA HIS C 323 -21.80 -8.33 -2.51
C HIS C 323 -23.13 -7.63 -2.80
N ARG C 324 -23.08 -6.31 -2.91
CA ARG C 324 -24.27 -5.52 -3.20
C ARG C 324 -23.94 -4.39 -4.17
N ILE C 325 -24.91 -3.51 -4.40
CA ILE C 325 -24.72 -2.37 -5.31
C ILE C 325 -25.11 -1.09 -4.58
N GLU C 326 -24.44 0.01 -4.89
CA GLU C 326 -24.75 1.28 -4.25
C GLU C 326 -24.90 2.33 -5.34
N LEU C 327 -26.15 2.63 -5.70
CA LEU C 327 -26.38 3.63 -6.73
C LEU C 327 -26.28 5.01 -6.14
N ARG C 328 -25.75 5.94 -6.93
CA ARG C 328 -25.58 7.32 -6.50
C ARG C 328 -26.10 8.26 -7.58
N LYS C 329 -25.30 9.23 -7.98
CA LYS C 329 -25.72 10.21 -8.98
C LYS C 329 -25.37 9.83 -10.42
N SER C 330 -24.60 8.78 -10.63
CA SER C 330 -24.21 8.40 -11.99
C SER C 330 -25.25 7.57 -12.72
N THR C 331 -26.43 7.46 -12.13
CA THR C 331 -27.52 6.71 -12.76
C THR C 331 -28.83 7.39 -12.37
N LYS C 332 -29.65 7.67 -13.38
CA LYS C 332 -30.93 8.35 -13.20
C LYS C 332 -31.81 7.62 -12.18
N ALA D 1 -27.03 -11.92 28.82
CA ALA D 1 -27.62 -10.58 28.51
C ALA D 1 -27.52 -10.26 27.03
N GLN D 2 -28.48 -9.49 26.52
CA GLN D 2 -28.47 -9.12 25.11
C GLN D 2 -29.17 -7.78 24.81
N LYS D 3 -28.70 -7.14 23.75
CA LYS D 3 -29.23 -5.84 23.32
C LYS D 3 -29.31 -5.76 21.80
N THR D 4 -30.32 -5.07 21.29
CA THR D 4 -30.50 -4.93 19.86
C THR D 4 -30.15 -3.51 19.40
N PHE D 5 -29.46 -3.41 18.27
CA PHE D 5 -29.08 -2.11 17.73
C PHE D 5 -29.56 -2.02 16.30
N LYS D 6 -29.54 -0.82 15.74
CA LYS D 6 -29.93 -0.64 14.35
C LYS D 6 -28.76 0.04 13.67
N VAL D 7 -28.03 -0.75 12.88
CA VAL D 7 -26.85 -0.30 12.14
C VAL D 7 -26.97 1.04 11.45
N THR D 8 -26.48 2.08 12.10
CA THR D 8 -26.52 3.41 11.54
C THR D 8 -25.34 3.65 10.61
N ALA D 9 -24.27 2.85 10.78
CA ALA D 9 -23.07 2.99 9.96
C ALA D 9 -23.39 3.06 8.48
N ASP D 10 -22.67 3.92 7.77
CA ASP D 10 -22.87 4.10 6.34
C ASP D 10 -22.37 2.88 5.57
N SER D 11 -21.37 2.21 6.12
CA SER D 11 -20.82 1.02 5.48
C SER D 11 -21.23 -0.24 6.22
N GLY D 12 -22.01 -0.07 7.28
CA GLY D 12 -22.47 -1.20 8.06
C GLY D 12 -21.33 -1.85 8.82
N ILE D 13 -21.52 -3.10 9.25
CA ILE D 13 -20.49 -3.85 9.97
C ILE D 13 -19.50 -4.39 8.93
N HIS D 14 -18.46 -3.62 8.67
CA HIS D 14 -17.41 -3.99 7.71
C HIS D 14 -16.14 -3.23 8.06
N ALA D 15 -15.17 -3.26 7.16
CA ALA D 15 -13.91 -2.54 7.33
C ALA D 15 -13.33 -2.61 8.74
N ARG D 16 -12.56 -1.59 9.09
CA ARG D 16 -11.93 -1.52 10.41
C ARG D 16 -12.93 -1.65 11.56
N PRO D 17 -13.92 -0.74 11.64
CA PRO D 17 -14.93 -0.77 12.71
C PRO D 17 -15.36 -2.20 13.04
N ALA D 18 -15.66 -2.96 11.99
CA ALA D 18 -16.06 -4.35 12.15
C ALA D 18 -14.99 -5.06 12.96
N THR D 19 -13.75 -4.88 12.54
CA THR D 19 -12.62 -5.49 13.20
C THR D 19 -12.53 -5.05 14.64
N VAL D 20 -12.88 -3.78 14.90
CA VAL D 20 -12.85 -3.25 16.25
C VAL D 20 -13.91 -3.90 17.12
N LEU D 21 -15.11 -4.07 16.56
CA LEU D 21 -16.18 -4.69 17.34
C LEU D 21 -15.77 -6.10 17.75
N VAL D 22 -15.15 -6.84 16.82
CA VAL D 22 -14.72 -8.20 17.10
C VAL D 22 -13.60 -8.32 18.14
N GLN D 23 -12.67 -7.38 18.11
CA GLN D 23 -11.55 -7.40 19.06
C GLN D 23 -12.03 -7.04 20.45
N THR D 24 -13.16 -6.35 20.53
CA THR D 24 -13.70 -5.96 21.84
C THR D 24 -14.41 -7.15 22.47
N ALA D 25 -15.16 -7.90 21.66
CA ALA D 25 -15.88 -9.06 22.16
C ALA D 25 -14.93 -10.15 22.60
N SER D 26 -13.68 -10.01 22.21
CA SER D 26 -12.69 -11.00 22.53
C SER D 26 -11.94 -10.65 23.79
N LYS D 27 -12.12 -9.42 24.28
CA LYS D 27 -11.43 -9.01 25.51
C LYS D 27 -12.10 -9.61 26.74
N TYR D 28 -13.23 -10.29 26.54
CA TYR D 28 -13.98 -10.89 27.64
C TYR D 28 -14.15 -12.40 27.57
N ASP D 29 -14.02 -13.06 28.72
CA ASP D 29 -14.15 -14.51 28.83
C ASP D 29 -15.53 -15.00 28.39
N ALA D 30 -16.55 -14.18 28.62
CA ALA D 30 -17.92 -14.53 28.24
C ALA D 30 -18.00 -14.98 26.79
N ASP D 31 -19.13 -15.60 26.45
CA ASP D 31 -19.36 -16.10 25.11
C ASP D 31 -20.23 -15.10 24.36
N VAL D 32 -19.60 -14.14 23.68
CA VAL D 32 -20.33 -13.13 22.93
C VAL D 32 -20.83 -13.66 21.58
N ASN D 33 -22.10 -13.42 21.27
CA ASN D 33 -22.70 -13.86 20.01
C ASN D 33 -23.32 -12.68 19.26
N LEU D 34 -23.68 -12.91 18.00
CA LEU D 34 -24.30 -11.86 17.20
C LEU D 34 -25.25 -12.47 16.19
N GLU D 35 -26.54 -12.29 16.43
CA GLU D 35 -27.58 -12.81 15.56
C GLU D 35 -28.02 -11.73 14.59
N TYR D 36 -28.42 -12.14 13.40
CA TYR D 36 -28.89 -11.21 12.38
C TYR D 36 -29.65 -11.96 11.31
N ASN D 37 -30.86 -11.49 11.04
CA ASN D 37 -31.71 -12.10 10.03
C ASN D 37 -31.82 -13.61 10.20
N GLY D 38 -31.91 -14.08 11.43
CA GLY D 38 -32.04 -15.50 11.66
C GLY D 38 -30.77 -16.28 11.41
N LYS D 39 -29.73 -15.91 12.13
CA LYS D 39 -28.43 -16.57 12.03
C LYS D 39 -27.52 -15.93 13.06
N THR D 40 -26.98 -16.75 13.93
CA THR D 40 -26.10 -16.27 14.98
C THR D 40 -24.67 -16.77 14.78
N VAL D 41 -23.71 -15.86 14.93
CA VAL D 41 -22.29 -16.19 14.76
C VAL D 41 -21.49 -15.66 15.96
N ASN D 42 -20.30 -16.19 16.19
CA ASN D 42 -19.47 -15.74 17.30
C ASN D 42 -19.04 -14.30 17.00
N LEU D 43 -19.15 -13.40 17.99
CA LEU D 43 -18.77 -12.01 17.75
C LEU D 43 -17.28 -11.79 17.87
N LYS D 44 -16.55 -12.85 18.22
CA LYS D 44 -15.10 -12.78 18.36
C LYS D 44 -14.45 -13.33 17.08
N ILE D 46 -13.74 -13.05 13.29
CA ILE D 46 -13.72 -12.16 12.13
C ILE D 46 -14.47 -12.80 10.94
N MET D 47 -14.26 -14.10 10.73
CA MET D 47 -14.92 -14.77 9.61
C MET D 47 -16.45 -14.78 9.68
N GLY D 48 -17.00 -14.98 10.88
CA GLY D 48 -18.44 -15.00 11.03
C GLY D 48 -19.08 -13.62 10.88
N VAL D 49 -18.60 -12.67 11.69
CA VAL D 49 -19.10 -11.31 11.67
C VAL D 49 -19.12 -10.75 10.25
N MET D 50 -17.97 -10.86 9.56
CA MET D 50 -17.85 -10.33 8.21
C MET D 50 -18.48 -11.18 7.11
N SER D 51 -19.01 -12.35 7.48
CA SER D 51 -19.63 -13.21 6.48
C SER D 51 -21.10 -12.86 6.36
N LEU D 52 -21.68 -12.36 7.45
CA LEU D 52 -23.09 -12.00 7.46
C LEU D 52 -23.41 -10.96 6.39
N GLY D 53 -22.63 -9.89 6.35
CA GLY D 53 -22.88 -8.84 5.38
C GLY D 53 -23.85 -7.82 5.91
N ILE D 54 -23.67 -7.43 7.16
CA ILE D 54 -24.55 -6.45 7.79
C ILE D 54 -24.37 -5.11 7.09
N ALA D 55 -25.43 -4.58 6.52
CA ALA D 55 -25.35 -3.29 5.82
C ALA D 55 -26.14 -2.24 6.59
N LYS D 56 -25.98 -0.97 6.20
CA LYS D 56 -26.68 0.12 6.86
C LYS D 56 -28.17 -0.18 6.87
N GLY D 57 -28.81 0.09 8.01
CA GLY D 57 -30.23 -0.15 8.12
C GLY D 57 -30.58 -1.31 9.04
N ALA D 58 -30.26 -2.52 8.63
CA ALA D 58 -30.55 -3.72 9.40
C ALA D 58 -30.31 -3.57 10.91
N GLU D 59 -30.77 -4.55 11.68
CA GLU D 59 -30.58 -4.53 13.12
C GLU D 59 -30.02 -5.86 13.62
N ILE D 60 -28.98 -5.78 14.44
CA ILE D 60 -28.33 -6.97 14.97
C ILE D 60 -28.80 -7.26 16.41
N THR D 61 -28.19 -8.27 17.03
CA THR D 61 -28.53 -8.64 18.40
C THR D 61 -27.32 -9.29 19.07
N ILE D 62 -26.59 -8.50 19.86
CA ILE D 62 -25.40 -8.98 20.56
C ILE D 62 -25.74 -9.75 21.83
N SER D 63 -25.26 -10.99 21.91
CA SER D 63 -25.50 -11.86 23.06
C SER D 63 -24.32 -11.86 24.04
N ALA D 64 -24.39 -12.74 25.04
CA ALA D 64 -23.34 -12.86 26.06
C ALA D 64 -23.83 -13.80 27.15
N SER D 65 -22.92 -14.55 27.76
CA SER D 65 -23.31 -15.49 28.80
C SER D 65 -22.13 -16.04 29.57
N GLY D 66 -21.61 -15.24 30.50
CA GLY D 66 -20.47 -15.67 31.29
C GLY D 66 -20.19 -14.77 32.48
N ALA D 67 -19.23 -15.19 33.31
CA ALA D 67 -18.85 -14.43 34.51
C ALA D 67 -18.65 -12.94 34.29
N ASP D 68 -18.64 -12.48 33.04
CA ASP D 68 -18.47 -11.07 32.77
C ASP D 68 -19.34 -10.62 31.60
N GLU D 69 -20.34 -11.44 31.29
CA GLU D 69 -21.26 -11.14 30.21
C GLU D 69 -21.85 -9.75 30.34
N ASN D 70 -21.56 -9.10 31.45
CA ASN D 70 -22.06 -7.77 31.71
C ASN D 70 -21.05 -6.71 31.28
N ASP D 71 -19.91 -6.67 31.94
CA ASP D 71 -18.87 -5.71 31.62
C ASP D 71 -18.60 -5.74 30.10
N ALA D 72 -18.86 -6.89 29.51
CA ALA D 72 -18.67 -7.11 28.08
C ALA D 72 -19.73 -6.40 27.24
N LEU D 73 -20.99 -6.71 27.52
CA LEU D 73 -22.12 -6.12 26.80
C LEU D 73 -22.03 -4.60 26.84
N ASN D 74 -21.59 -4.09 27.98
CA ASN D 74 -21.42 -2.66 28.16
C ASN D 74 -20.33 -2.18 27.21
N ALA D 75 -19.15 -2.80 27.35
CA ALA D 75 -18.02 -2.46 26.51
C ALA D 75 -18.39 -2.54 25.03
N LEU D 76 -19.17 -3.55 24.68
CA LEU D 76 -19.61 -3.73 23.30
C LEU D 76 -20.41 -2.54 22.84
N GLU D 77 -21.24 -2.00 23.73
CA GLU D 77 -22.07 -0.85 23.41
C GLU D 77 -21.20 0.37 23.14
N GLU D 78 -20.16 0.52 23.96
CA GLU D 78 -19.23 1.63 23.83
C GLU D 78 -18.73 1.71 22.38
N THR D 79 -18.12 0.61 21.93
CA THR D 79 -17.60 0.56 20.57
C THR D 79 -18.73 0.69 19.56
N MET D 80 -19.86 0.03 19.82
CA MET D 80 -21.02 0.09 18.92
C MET D 80 -21.44 1.52 18.60
N LYS D 81 -21.08 2.46 19.47
CA LYS D 81 -21.43 3.86 19.27
C LYS D 81 -20.19 4.70 19.00
N SER D 82 -19.02 4.18 19.35
CA SER D 82 -17.79 4.93 19.12
C SER D 82 -17.53 5.09 17.63
N GLU D 83 -17.60 3.99 16.89
CA GLU D 83 -17.40 4.05 15.44
C GLU D 83 -18.74 4.34 14.76
N GLY D 84 -19.81 4.33 15.52
CA GLY D 84 -21.12 4.61 14.96
C GLY D 84 -21.66 3.45 14.15
N LEU D 85 -21.85 2.32 14.81
CA LEU D 85 -22.36 1.12 14.15
C LEU D 85 -23.68 0.67 14.78
N GLY D 86 -24.70 1.50 14.68
CA GLY D 86 -26.00 1.16 15.25
C GLY D 86 -26.21 1.66 16.66
N GLU D 87 -27.42 1.43 17.18
CA GLU D 87 -27.75 1.87 18.53
C GLU D 87 -29.16 1.42 18.91
#